data_4QGE
#
_entry.id   4QGE
#
_cell.length_a   103.580
_cell.length_b   103.580
_cell.length_c   268.657
_cell.angle_alpha   90.00
_cell.angle_beta   90.00
_cell.angle_gamma   90.00
#
_symmetry.space_group_name_H-M   'P 41 21 2'
#
loop_
_entity.id
_entity.type
_entity.pdbx_description
1 polymer 'Phosphodiesterase 9A'
2 non-polymer N~2~-(1-cyclopentyl-4-oxo-4,7-dihydro-1H-pyrazolo[3,4-d]pyrimidin-6-yl)-N-(4-methoxyphenyl)-D-alaninamide
3 non-polymer 'ZINC ION'
4 non-polymer 'MAGNESIUM ION'
5 water water
#
_entity_poly.entity_id   1
_entity_poly.type   'polypeptide(L)'
_entity_poly.pdbx_seq_one_letter_code
;MGSGSSSYRPKAIYLDIDGRIQKVIFSKYCNSSDIMDLFCIATGLPRNTTISLLTTDDAMVSIDPTMPANSERTPYKVRP
VAIKQLSEREELIQSVLAQVAEQFSRAFKINELKAEVANHLAVLEKRVELEGLKVVEIEKCKSDIKKMREELAARSSRTN
CPCKYSFLDNHKKLTPRRDVPTYPKYLLSPETIEALRKPTFDVWLWEPNEMLSCLEHMYHDLGLVRDFSINPVTLRRWLF
CVHDNYRNNPFHNFRHCFCVAQMMYSMVWLCSLQEKFSQTDILILMTAAICHDLDHPGYNNTYQINARTELAVRYNDISP
LENHHCAVAFQILAEPECNIFSNIPPDGFKQIRQGMITLILATDMARHAEIMDSFKEKMENFDYSNEEHMTLLKMILIKC
CDISNEVRPMEVAEPWVDCLLEEYFMQSDREKSEGLPVAPFMDRDKVTKATAQIGFIKFVLIPMFETVTKLFPMVEEIML
QPLWESRDRYEELKRIDDAMKELQKKTDSLTSGATEKSRERSRDVKNSEGDCA
;
_entity_poly.pdbx_strand_id   A,B
#
# COMPACT_ATOMS: atom_id res chain seq x y z
N LYS A 185 12.34 2.09 -41.93
CA LYS A 185 11.96 1.26 -40.74
C LYS A 185 10.60 1.68 -40.22
N TYR A 186 10.44 2.98 -39.94
CA TYR A 186 9.18 3.52 -39.45
C TYR A 186 8.10 3.11 -40.47
N LEU A 187 6.83 3.21 -40.10
CA LEU A 187 5.73 2.82 -40.98
C LEU A 187 5.59 1.30 -41.02
N LEU A 188 4.58 0.80 -40.31
CA LEU A 188 4.32 -0.63 -40.25
C LEU A 188 3.68 -1.11 -41.54
N SER A 189 4.14 -2.26 -42.03
CA SER A 189 3.58 -2.81 -43.26
C SER A 189 2.21 -3.37 -42.92
N PRO A 190 1.31 -3.44 -43.90
CA PRO A 190 -0.01 -3.98 -43.58
C PRO A 190 0.10 -5.43 -43.10
N GLU A 191 1.19 -6.10 -43.47
CA GLU A 191 1.42 -7.47 -43.05
C GLU A 191 1.64 -7.46 -41.54
N THR A 192 2.53 -6.57 -41.10
CA THR A 192 2.85 -6.43 -39.69
C THR A 192 1.62 -6.07 -38.88
N ILE A 193 0.89 -5.05 -39.31
CA ILE A 193 -0.31 -4.60 -38.63
C ILE A 193 -1.30 -5.75 -38.44
N GLU A 194 -1.31 -6.70 -39.37
CA GLU A 194 -2.24 -7.82 -39.25
C GLU A 194 -1.66 -8.88 -38.33
N ALA A 195 -0.33 -8.98 -38.31
CA ALA A 195 0.35 -9.95 -37.47
C ALA A 195 0.28 -9.52 -35.99
N LEU A 196 0.21 -8.22 -35.77
CA LEU A 196 0.16 -7.64 -34.45
C LEU A 196 -1.02 -8.13 -33.61
N ARG A 197 -2.06 -8.62 -34.29
CA ARG A 197 -3.26 -9.11 -33.62
C ARG A 197 -3.18 -10.52 -33.06
N LYS A 198 -2.09 -11.22 -33.35
CA LYS A 198 -1.97 -12.59 -32.86
C LYS A 198 -0.78 -12.81 -31.94
N PRO A 199 -0.90 -13.80 -31.03
CA PRO A 199 0.14 -14.14 -30.06
C PRO A 199 1.39 -14.74 -30.69
N THR A 200 1.38 -14.84 -32.03
CA THR A 200 2.52 -15.38 -32.75
C THR A 200 3.45 -14.24 -33.19
N PHE A 201 3.02 -13.00 -33.00
CA PHE A 201 3.83 -11.85 -33.38
C PHE A 201 5.27 -11.97 -32.87
N ASP A 202 6.24 -11.85 -33.77
CA ASP A 202 7.64 -11.94 -33.37
C ASP A 202 8.10 -10.63 -32.75
N VAL A 203 8.05 -10.57 -31.43
CA VAL A 203 8.42 -9.38 -30.67
C VAL A 203 9.88 -8.95 -30.81
N TRP A 204 10.76 -9.86 -31.23
CA TRP A 204 12.17 -9.52 -31.35
C TRP A 204 12.57 -8.79 -32.64
N LEU A 205 11.72 -8.89 -33.66
CA LEU A 205 12.01 -8.25 -34.94
C LEU A 205 12.07 -6.74 -34.94
N TRP A 206 11.51 -6.10 -33.92
CA TRP A 206 11.46 -4.65 -33.96
C TRP A 206 12.27 -3.85 -32.97
N GLU A 207 12.46 -2.59 -33.33
CA GLU A 207 13.20 -1.64 -32.52
C GLU A 207 12.21 -0.67 -31.89
N PRO A 208 12.63 0.00 -30.81
CA PRO A 208 11.81 0.97 -30.08
C PRO A 208 10.76 1.74 -30.89
N ASN A 209 11.21 2.45 -31.92
CA ASN A 209 10.30 3.23 -32.75
C ASN A 209 9.22 2.41 -33.41
N GLU A 210 9.56 1.20 -33.85
CA GLU A 210 8.60 0.33 -34.51
C GLU A 210 7.60 -0.19 -33.49
N MET A 211 8.10 -0.58 -32.31
CA MET A 211 7.23 -1.08 -31.25
C MET A 211 6.33 0.06 -30.79
N LEU A 212 6.89 1.26 -30.72
CA LEU A 212 6.09 2.42 -30.33
C LEU A 212 4.98 2.63 -31.35
N SER A 213 5.31 2.48 -32.63
CA SER A 213 4.31 2.64 -33.69
C SER A 213 3.22 1.60 -33.53
N CYS A 214 3.61 0.38 -33.21
CA CYS A 214 2.65 -0.71 -33.02
C CYS A 214 1.73 -0.36 -31.86
N LEU A 215 2.29 0.12 -30.76
CA LEU A 215 1.47 0.49 -29.61
C LEU A 215 0.48 1.58 -30.04
N GLU A 216 0.99 2.59 -30.73
CA GLU A 216 0.15 3.67 -31.20
C GLU A 216 -1.02 3.12 -32.01
N HIS A 217 -0.73 2.20 -32.92
CA HIS A 217 -1.77 1.60 -33.75
C HIS A 217 -2.86 0.94 -32.91
N MET A 218 -2.45 0.21 -31.86
CA MET A 218 -3.39 -0.46 -30.99
C MET A 218 -4.41 0.51 -30.40
N TYR A 219 -3.95 1.67 -29.97
CA TYR A 219 -4.86 2.66 -29.39
C TYR A 219 -5.85 3.20 -30.43
N HIS A 220 -5.39 3.37 -31.67
CA HIS A 220 -6.25 3.84 -32.74
C HIS A 220 -7.20 2.71 -33.15
N ASP A 221 -6.62 1.54 -33.40
CA ASP A 221 -7.38 0.38 -33.82
C ASP A 221 -8.50 -0.03 -32.87
N LEU A 222 -8.22 -0.03 -31.57
CA LEU A 222 -9.20 -0.42 -30.56
C LEU A 222 -10.31 0.61 -30.33
N GLY A 223 -10.19 1.76 -30.98
CA GLY A 223 -11.19 2.79 -30.84
C GLY A 223 -11.01 3.69 -29.62
N LEU A 224 -9.85 3.59 -28.98
CA LEU A 224 -9.56 4.38 -27.78
C LEU A 224 -9.27 5.84 -28.10
N VAL A 225 -8.53 6.09 -29.18
CA VAL A 225 -8.22 7.46 -29.55
C VAL A 225 -9.53 8.18 -29.86
N ARG A 226 -10.40 7.45 -30.55
CA ARG A 226 -11.71 7.96 -30.94
C ARG A 226 -12.61 8.21 -29.74
N ASP A 227 -12.90 7.16 -28.99
CA ASP A 227 -13.78 7.26 -27.84
C ASP A 227 -13.32 8.09 -26.65
N PHE A 228 -12.03 8.40 -26.55
CA PHE A 228 -11.55 9.20 -25.43
C PHE A 228 -10.94 10.52 -25.86
N SER A 229 -11.14 10.88 -27.12
CA SER A 229 -10.65 12.14 -27.67
C SER A 229 -9.18 12.34 -27.37
N ILE A 230 -8.42 11.27 -27.50
CA ILE A 230 -7.00 11.34 -27.25
C ILE A 230 -6.34 12.10 -28.39
N ASN A 231 -5.63 13.18 -28.04
CA ASN A 231 -4.90 13.95 -29.04
C ASN A 231 -3.93 12.94 -29.63
N PRO A 232 -4.03 12.64 -30.94
CA PRO A 232 -3.09 11.66 -31.52
C PRO A 232 -1.61 12.01 -31.41
N VAL A 233 -1.29 13.30 -31.30
CA VAL A 233 0.10 13.71 -31.18
C VAL A 233 0.54 13.46 -29.74
N THR A 234 -0.38 13.69 -28.80
CA THR A 234 -0.12 13.47 -27.38
C THR A 234 0.06 11.98 -27.15
N LEU A 235 -0.67 11.16 -27.91
CA LEU A 235 -0.56 9.71 -27.78
C LEU A 235 0.87 9.27 -28.08
N ARG A 236 1.46 9.87 -29.11
CA ARG A 236 2.83 9.51 -29.48
C ARG A 236 3.86 10.02 -28.48
N ARG A 237 3.65 11.22 -27.94
CA ARG A 237 4.60 11.74 -26.96
C ARG A 237 4.55 10.91 -25.69
N TRP A 238 3.33 10.58 -25.26
CA TRP A 238 3.12 9.77 -24.07
C TRP A 238 3.92 8.48 -24.20
N LEU A 239 3.74 7.79 -25.33
CA LEU A 239 4.46 6.55 -25.58
C LEU A 239 5.95 6.77 -25.49
N PHE A 240 6.41 7.94 -25.91
CA PHE A 240 7.83 8.23 -25.85
C PHE A 240 8.32 8.37 -24.41
N CYS A 241 7.50 8.97 -23.54
CA CYS A 241 7.89 9.12 -22.14
C CYS A 241 7.91 7.77 -21.48
N VAL A 242 6.90 6.96 -21.79
CA VAL A 242 6.82 5.64 -21.24
C VAL A 242 8.11 4.91 -21.56
N HIS A 243 8.51 4.93 -22.83
CA HIS A 243 9.72 4.26 -23.26
C HIS A 243 10.93 4.79 -22.52
N ASP A 244 11.01 6.11 -22.40
CA ASP A 244 12.13 6.74 -21.71
C ASP A 244 12.17 6.34 -20.24
N ASN A 245 11.03 5.99 -19.67
CA ASN A 245 11.01 5.63 -18.27
C ASN A 245 11.19 4.15 -18.00
N TYR A 246 11.55 3.40 -19.02
CA TYR A 246 11.83 1.98 -18.83
C TYR A 246 13.35 1.88 -18.81
N ARG A 247 13.88 0.96 -18.03
CA ARG A 247 15.33 0.79 -17.94
C ARG A 247 15.84 -0.33 -18.81
N ASN A 248 17.14 -0.32 -19.07
CA ASN A 248 17.77 -1.33 -19.90
C ASN A 248 18.13 -2.58 -19.11
N ASN A 249 17.13 -3.21 -18.51
CA ASN A 249 17.38 -4.44 -17.76
C ASN A 249 17.36 -5.58 -18.75
N PRO A 250 17.91 -6.74 -18.37
CA PRO A 250 17.92 -7.87 -19.30
C PRO A 250 16.50 -8.31 -19.65
N PHE A 251 15.63 -8.33 -18.63
CA PHE A 251 14.24 -8.76 -18.80
C PHE A 251 13.19 -7.65 -18.68
N HIS A 252 13.14 -6.98 -17.53
CA HIS A 252 12.17 -5.92 -17.28
C HIS A 252 12.49 -4.60 -17.97
N ASN A 253 12.42 -4.65 -19.30
CA ASN A 253 12.70 -3.48 -20.13
C ASN A 253 11.48 -3.15 -20.97
N PHE A 254 11.61 -2.15 -21.82
CA PHE A 254 10.53 -1.72 -22.70
C PHE A 254 9.99 -2.83 -23.63
N ARG A 255 10.84 -3.73 -24.07
CA ARG A 255 10.35 -4.81 -24.95
C ARG A 255 9.39 -5.74 -24.17
N HIS A 256 9.64 -5.95 -22.87
CA HIS A 256 8.73 -6.77 -22.06
C HIS A 256 7.41 -6.01 -22.00
N CYS A 257 7.52 -4.70 -21.80
CA CYS A 257 6.37 -3.82 -21.74
C CYS A 257 5.58 -4.03 -23.03
N PHE A 258 6.29 -4.03 -24.15
CA PHE A 258 5.66 -4.23 -25.45
C PHE A 258 5.02 -5.61 -25.56
N CYS A 259 5.67 -6.65 -25.03
CA CYS A 259 5.10 -7.99 -25.11
C CYS A 259 3.76 -8.13 -24.40
N VAL A 260 3.67 -7.54 -23.21
CA VAL A 260 2.47 -7.62 -22.40
C VAL A 260 1.32 -6.86 -23.04
N ALA A 261 1.60 -5.67 -23.55
CA ALA A 261 0.57 -4.87 -24.20
C ALA A 261 0.13 -5.54 -25.51
N GLN A 262 1.09 -6.14 -26.21
CA GLN A 262 0.77 -6.81 -27.47
C GLN A 262 -0.05 -8.06 -27.21
N MET A 263 0.24 -8.74 -26.11
CA MET A 263 -0.50 -9.96 -25.77
C MET A 263 -1.90 -9.57 -25.30
N MET A 264 -2.02 -8.44 -24.61
CA MET A 264 -3.31 -7.99 -24.13
C MET A 264 -4.15 -7.70 -25.37
N TYR A 265 -3.54 -7.01 -26.31
CA TYR A 265 -4.16 -6.68 -27.58
C TYR A 265 -4.66 -7.96 -28.27
N SER A 266 -3.85 -9.01 -28.24
CA SER A 266 -4.22 -10.29 -28.85
C SER A 266 -5.41 -10.91 -28.12
N MET A 267 -5.43 -10.78 -26.81
CA MET A 267 -6.51 -11.32 -26.00
C MET A 267 -7.83 -10.67 -26.38
N VAL A 268 -7.79 -9.35 -26.59
CA VAL A 268 -8.98 -8.61 -26.96
C VAL A 268 -9.65 -9.19 -28.20
N TRP A 269 -8.83 -9.57 -29.19
CA TRP A 269 -9.38 -10.14 -30.41
C TRP A 269 -9.78 -11.59 -30.24
N LEU A 270 -8.87 -12.39 -29.67
CA LEU A 270 -9.13 -13.80 -29.47
C LEU A 270 -10.40 -14.07 -28.66
N CYS A 271 -10.61 -13.27 -27.61
CA CYS A 271 -11.75 -13.46 -26.74
C CYS A 271 -12.87 -12.44 -26.97
N SER A 272 -12.76 -11.65 -28.03
CA SER A 272 -13.77 -10.64 -28.33
C SER A 272 -14.14 -9.91 -27.04
N LEU A 273 -13.13 -9.41 -26.35
CA LEU A 273 -13.33 -8.72 -25.09
C LEU A 273 -14.16 -7.45 -25.22
N GLN A 274 -14.28 -6.93 -26.43
CA GLN A 274 -15.07 -5.71 -26.64
C GLN A 274 -16.57 -5.99 -26.52
N GLU A 275 -16.92 -7.27 -26.47
CA GLU A 275 -18.31 -7.66 -26.33
C GLU A 275 -18.64 -7.71 -24.84
N LYS A 276 -17.62 -7.89 -24.01
CA LYS A 276 -17.80 -7.99 -22.57
C LYS A 276 -17.39 -6.76 -21.77
N PHE A 277 -16.39 -6.03 -22.27
CA PHE A 277 -15.89 -4.86 -21.55
C PHE A 277 -16.17 -3.55 -22.25
N SER A 278 -16.42 -2.51 -21.46
CA SER A 278 -16.65 -1.19 -22.02
C SER A 278 -15.30 -0.72 -22.55
N GLN A 279 -15.32 0.40 -23.27
CA GLN A 279 -14.08 0.94 -23.80
C GLN A 279 -13.20 1.39 -22.64
N THR A 280 -13.81 1.94 -21.60
CA THR A 280 -13.04 2.40 -20.44
C THR A 280 -12.22 1.25 -19.89
N ASP A 281 -12.84 0.07 -19.76
CA ASP A 281 -12.12 -1.09 -19.26
C ASP A 281 -11.02 -1.51 -20.22
N ILE A 282 -11.24 -1.33 -21.52
CA ILE A 282 -10.24 -1.67 -22.54
C ILE A 282 -9.08 -0.69 -22.41
N LEU A 283 -9.42 0.57 -22.17
CA LEU A 283 -8.40 1.61 -22.01
C LEU A 283 -7.55 1.26 -20.78
N ILE A 284 -8.21 0.87 -19.70
CA ILE A 284 -7.55 0.50 -18.45
C ILE A 284 -6.64 -0.70 -18.66
N LEU A 285 -7.14 -1.73 -19.34
CA LEU A 285 -6.35 -2.94 -19.58
C LEU A 285 -5.10 -2.66 -20.43
N MET A 286 -5.25 -1.88 -21.50
CA MET A 286 -4.11 -1.58 -22.36
C MET A 286 -3.09 -0.67 -21.70
N THR A 287 -3.57 0.39 -21.06
CA THR A 287 -2.68 1.36 -20.45
C THR A 287 -1.92 0.77 -19.26
N ALA A 288 -2.59 -0.04 -18.45
CA ALA A 288 -1.94 -0.65 -17.31
C ALA A 288 -0.90 -1.64 -17.83
N ALA A 289 -1.23 -2.32 -18.92
CA ALA A 289 -0.31 -3.28 -19.51
C ALA A 289 0.98 -2.59 -19.92
N ILE A 290 0.85 -1.43 -20.55
CA ILE A 290 2.00 -0.68 -21.00
C ILE A 290 2.83 -0.11 -19.86
N CYS A 291 2.15 0.32 -18.79
CA CYS A 291 2.80 0.94 -17.65
C CYS A 291 3.17 0.03 -16.48
N HIS A 292 2.67 -1.20 -16.48
CA HIS A 292 2.87 -2.13 -15.38
C HIS A 292 4.26 -2.39 -14.79
N ASP A 293 5.34 -2.06 -15.51
CA ASP A 293 6.69 -2.27 -15.00
C ASP A 293 7.58 -1.04 -15.11
N LEU A 294 6.95 0.13 -15.21
CA LEU A 294 7.68 1.37 -15.31
C LEU A 294 8.81 1.53 -14.30
N ASP A 295 9.97 1.91 -14.81
CA ASP A 295 11.15 2.14 -14.01
C ASP A 295 11.54 0.99 -13.10
N HIS A 296 11.34 -0.23 -13.57
CA HIS A 296 11.71 -1.40 -12.78
C HIS A 296 13.25 -1.36 -12.70
N PRO A 297 13.81 -1.62 -11.50
CA PRO A 297 15.26 -1.61 -11.28
C PRO A 297 16.04 -2.86 -11.70
N GLY A 298 15.40 -4.02 -11.71
CA GLY A 298 16.10 -5.23 -12.09
C GLY A 298 16.26 -6.19 -10.93
N TYR A 299 15.74 -5.80 -9.77
CA TYR A 299 15.78 -6.62 -8.56
C TYR A 299 14.34 -6.65 -8.05
N ASN A 300 13.84 -7.84 -7.72
CA ASN A 300 12.46 -7.96 -7.28
C ASN A 300 12.17 -7.43 -5.87
N ASN A 301 10.91 -7.55 -5.46
CA ASN A 301 10.45 -7.08 -4.15
C ASN A 301 11.19 -7.70 -2.98
N THR A 302 11.48 -9.00 -3.10
CA THR A 302 12.18 -9.72 -2.06
C THR A 302 13.54 -9.09 -1.81
N TYR A 303 14.16 -8.59 -2.87
CA TYR A 303 15.45 -7.94 -2.70
C TYR A 303 15.24 -6.58 -2.04
N GLN A 304 14.31 -5.80 -2.58
CA GLN A 304 14.00 -4.47 -2.06
C GLN A 304 13.79 -4.50 -0.54
N ILE A 305 12.98 -5.46 -0.10
CA ILE A 305 12.65 -5.61 1.31
C ILE A 305 13.85 -6.06 2.12
N ASN A 306 14.42 -7.20 1.76
CA ASN A 306 15.58 -7.73 2.47
C ASN A 306 16.73 -6.72 2.54
N ALA A 307 16.97 -5.99 1.46
CA ALA A 307 18.04 -5.00 1.45
C ALA A 307 17.59 -3.65 2.02
N ARG A 308 16.35 -3.60 2.51
CA ARG A 308 15.79 -2.37 3.08
C ARG A 308 16.11 -1.15 2.22
N THR A 309 15.81 -1.25 0.92
CA THR A 309 16.06 -0.17 -0.03
C THR A 309 15.10 0.98 0.15
N GLU A 310 15.39 2.09 -0.51
CA GLU A 310 14.53 3.26 -0.42
C GLU A 310 13.09 2.96 -0.86
N LEU A 311 12.94 2.14 -1.89
CA LEU A 311 11.61 1.78 -2.37
C LEU A 311 10.85 0.97 -1.34
N ALA A 312 11.53 0.02 -0.71
CA ALA A 312 10.90 -0.81 0.31
C ALA A 312 10.54 0.03 1.54
N VAL A 313 11.34 1.06 1.80
CA VAL A 313 11.07 1.92 2.95
C VAL A 313 9.94 2.88 2.61
N ARG A 314 9.92 3.35 1.37
CA ARG A 314 8.89 4.28 0.91
C ARG A 314 7.51 3.65 0.94
N TYR A 315 7.44 2.38 0.55
CA TYR A 315 6.17 1.67 0.50
C TYR A 315 5.91 0.69 1.63
N ASN A 316 6.71 0.78 2.69
CA ASN A 316 6.51 -0.06 3.86
C ASN A 316 6.44 -1.55 3.57
N ASP A 317 7.30 -2.02 2.67
CA ASP A 317 7.35 -3.44 2.29
C ASP A 317 6.09 -3.98 1.58
N ILE A 318 5.17 -3.10 1.23
CA ILE A 318 3.94 -3.54 0.54
C ILE A 318 4.08 -3.32 -0.96
N SER A 319 4.25 -4.41 -1.71
CA SER A 319 4.45 -4.37 -3.16
C SER A 319 5.22 -3.12 -3.58
N PRO A 320 6.42 -2.92 -3.03
CA PRO A 320 7.18 -1.72 -3.42
C PRO A 320 7.35 -1.47 -4.92
N LEU A 321 7.70 -2.49 -5.69
CA LEU A 321 7.87 -2.27 -7.13
C LEU A 321 6.56 -1.85 -7.81
N GLU A 322 5.50 -2.63 -7.63
CA GLU A 322 4.23 -2.31 -8.27
C GLU A 322 3.71 -0.94 -7.87
N ASN A 323 3.85 -0.56 -6.61
CA ASN A 323 3.41 0.76 -6.16
C ASN A 323 4.20 1.82 -6.89
N HIS A 324 5.48 1.56 -7.08
CA HIS A 324 6.36 2.48 -7.77
C HIS A 324 5.98 2.60 -9.24
N HIS A 325 5.71 1.48 -9.90
CA HIS A 325 5.33 1.52 -11.31
C HIS A 325 4.09 2.41 -11.49
N CYS A 326 3.11 2.27 -10.60
CA CYS A 326 1.88 3.07 -10.67
C CYS A 326 2.20 4.54 -10.53
N ALA A 327 2.95 4.87 -9.49
CA ALA A 327 3.34 6.23 -9.23
C ALA A 327 3.99 6.86 -10.45
N VAL A 328 4.96 6.17 -11.03
CA VAL A 328 5.65 6.69 -12.19
C VAL A 328 4.68 6.90 -13.35
N ALA A 329 3.81 5.91 -13.55
CA ALA A 329 2.81 5.99 -14.62
C ALA A 329 1.99 7.28 -14.51
N PHE A 330 1.58 7.63 -13.29
CA PHE A 330 0.77 8.82 -13.12
C PHE A 330 1.54 10.11 -13.00
N GLN A 331 2.84 9.99 -12.76
CA GLN A 331 3.68 11.18 -12.71
C GLN A 331 3.87 11.56 -14.18
N ILE A 332 3.92 10.54 -15.04
CA ILE A 332 4.08 10.78 -16.47
C ILE A 332 2.81 11.42 -17.02
N LEU A 333 1.66 10.86 -16.67
CA LEU A 333 0.38 11.38 -17.12
C LEU A 333 0.12 12.77 -16.55
N ALA A 334 0.80 13.09 -15.45
CA ALA A 334 0.64 14.40 -14.84
C ALA A 334 1.26 15.47 -15.74
N GLU A 335 2.24 15.08 -16.56
CA GLU A 335 2.87 16.02 -17.49
C GLU A 335 1.96 16.27 -18.68
N PRO A 336 1.49 17.52 -18.84
CA PRO A 336 0.59 17.93 -19.92
C PRO A 336 0.87 17.34 -21.31
N GLU A 337 2.10 17.48 -21.77
CA GLU A 337 2.51 16.97 -23.07
C GLU A 337 2.35 15.45 -23.22
N CYS A 338 2.22 14.75 -22.10
CA CYS A 338 2.08 13.29 -22.15
C CYS A 338 0.73 12.82 -21.65
N ASN A 339 -0.14 13.77 -21.33
CA ASN A 339 -1.43 13.39 -20.79
C ASN A 339 -2.49 12.95 -21.79
N ILE A 340 -2.41 11.68 -22.19
CA ILE A 340 -3.38 11.14 -23.13
C ILE A 340 -4.79 11.18 -22.56
N PHE A 341 -4.93 11.56 -21.30
CA PHE A 341 -6.25 11.63 -20.68
C PHE A 341 -6.77 13.06 -20.53
N SER A 342 -6.01 14.02 -21.02
CA SER A 342 -6.41 15.42 -20.90
C SER A 342 -7.82 15.76 -21.38
N ASN A 343 -8.38 14.95 -22.26
CA ASN A 343 -9.73 15.26 -22.76
C ASN A 343 -10.83 14.40 -22.18
N ILE A 344 -10.51 13.69 -21.10
CA ILE A 344 -11.52 12.87 -20.44
C ILE A 344 -12.01 13.66 -19.24
N PRO A 345 -13.32 13.61 -18.96
CA PRO A 345 -13.81 14.35 -17.79
C PRO A 345 -13.26 13.74 -16.49
N PRO A 346 -13.14 14.56 -15.43
CA PRO A 346 -12.63 14.16 -14.11
C PRO A 346 -13.16 12.85 -13.53
N ASP A 347 -14.47 12.60 -13.67
CA ASP A 347 -15.04 11.37 -13.13
C ASP A 347 -14.49 10.14 -13.86
N GLY A 348 -14.28 10.27 -15.16
CA GLY A 348 -13.76 9.17 -15.94
C GLY A 348 -12.30 8.95 -15.60
N PHE A 349 -11.57 10.03 -15.35
CA PHE A 349 -10.17 9.95 -14.99
C PHE A 349 -10.04 9.14 -13.71
N LYS A 350 -10.85 9.47 -12.71
CA LYS A 350 -10.79 8.78 -11.44
C LYS A 350 -11.07 7.29 -11.61
N GLN A 351 -12.03 6.97 -12.47
CA GLN A 351 -12.35 5.57 -12.70
C GLN A 351 -11.20 4.84 -13.39
N ILE A 352 -10.58 5.52 -14.35
CA ILE A 352 -9.46 4.93 -15.07
C ILE A 352 -8.27 4.76 -14.12
N ARG A 353 -7.96 5.81 -13.37
CA ARG A 353 -6.85 5.79 -12.40
C ARG A 353 -7.01 4.63 -11.42
N GLN A 354 -8.19 4.51 -10.85
CA GLN A 354 -8.46 3.44 -9.89
C GLN A 354 -8.27 2.07 -10.53
N GLY A 355 -8.82 1.90 -11.74
CA GLY A 355 -8.71 0.63 -12.42
C GLY A 355 -7.27 0.27 -12.72
N MET A 356 -6.50 1.23 -13.20
CA MET A 356 -5.11 0.97 -13.52
C MET A 356 -4.32 0.55 -12.28
N ILE A 357 -4.53 1.26 -11.18
CA ILE A 357 -3.83 0.98 -9.94
C ILE A 357 -4.08 -0.45 -9.49
N THR A 358 -5.34 -0.87 -9.53
CA THR A 358 -5.72 -2.23 -9.17
C THR A 358 -5.01 -3.25 -10.04
N LEU A 359 -4.98 -2.99 -11.35
CA LEU A 359 -4.35 -3.94 -12.26
C LEU A 359 -2.85 -4.00 -12.13
N ILE A 360 -2.21 -2.84 -11.98
CA ILE A 360 -0.76 -2.85 -11.86
C ILE A 360 -0.33 -3.52 -10.56
N LEU A 361 -1.00 -3.20 -9.46
CA LEU A 361 -0.68 -3.81 -8.17
C LEU A 361 -0.97 -5.31 -8.21
N ALA A 362 -1.91 -5.72 -9.06
CA ALA A 362 -2.26 -7.13 -9.19
C ALA A 362 -1.17 -7.95 -9.87
N THR A 363 -0.19 -7.30 -10.49
CA THR A 363 0.86 -8.06 -11.16
C THR A 363 1.94 -8.59 -10.22
N ASP A 364 1.82 -8.28 -8.93
CA ASP A 364 2.79 -8.75 -7.92
C ASP A 364 2.56 -10.25 -7.73
N MET A 365 3.49 -11.07 -8.20
CA MET A 365 3.35 -12.52 -8.08
C MET A 365 3.16 -13.06 -6.66
N ALA A 366 3.50 -12.25 -5.66
CA ALA A 366 3.33 -12.66 -4.27
C ALA A 366 1.83 -12.86 -4.00
N ARG A 367 1.00 -12.17 -4.78
CA ARG A 367 -0.46 -12.27 -4.63
C ARG A 367 -1.07 -13.23 -5.61
N HIS A 368 -0.24 -13.99 -6.31
CA HIS A 368 -0.76 -14.92 -7.31
C HIS A 368 -1.78 -15.92 -6.77
N ALA A 369 -1.42 -16.66 -5.73
CA ALA A 369 -2.31 -17.66 -5.16
C ALA A 369 -3.62 -17.03 -4.67
N GLU A 370 -3.49 -15.90 -3.98
CA GLU A 370 -4.64 -15.15 -3.46
C GLU A 370 -5.62 -14.83 -4.60
N ILE A 371 -5.14 -14.06 -5.58
CA ILE A 371 -5.94 -13.64 -6.72
C ILE A 371 -6.54 -14.81 -7.50
N MET A 372 -5.78 -15.89 -7.64
CA MET A 372 -6.29 -17.06 -8.34
C MET A 372 -7.43 -17.68 -7.52
N ASP A 373 -7.26 -17.71 -6.20
CA ASP A 373 -8.30 -18.26 -5.33
C ASP A 373 -9.57 -17.43 -5.42
N SER A 374 -9.42 -16.11 -5.40
CA SER A 374 -10.56 -15.21 -5.48
C SER A 374 -11.29 -15.40 -6.81
N PHE A 375 -10.54 -15.50 -7.89
CA PHE A 375 -11.12 -15.67 -9.22
C PHE A 375 -11.84 -17.01 -9.36
N LYS A 376 -11.22 -18.08 -8.87
CA LYS A 376 -11.83 -19.40 -8.97
C LYS A 376 -13.09 -19.48 -8.10
N GLU A 377 -13.20 -18.57 -7.15
CA GLU A 377 -14.35 -18.52 -6.28
C GLU A 377 -15.52 -17.96 -7.08
N LYS A 378 -15.29 -16.78 -7.68
CA LYS A 378 -16.31 -16.13 -8.50
C LYS A 378 -16.62 -17.03 -9.68
N MET A 379 -15.62 -17.80 -10.09
CA MET A 379 -15.74 -18.69 -11.24
C MET A 379 -16.83 -19.76 -11.12
N GLU A 380 -17.20 -20.11 -9.90
CA GLU A 380 -18.23 -21.11 -9.64
C GLU A 380 -19.55 -20.67 -10.31
N ASN A 381 -19.77 -19.36 -10.35
CA ASN A 381 -20.96 -18.77 -10.95
C ASN A 381 -20.57 -17.37 -11.39
N PHE A 382 -19.72 -17.28 -12.42
CA PHE A 382 -19.27 -15.99 -12.91
C PHE A 382 -20.41 -15.14 -13.43
N ASP A 383 -20.34 -13.84 -13.18
CA ASP A 383 -21.37 -12.90 -13.61
C ASP A 383 -20.73 -11.65 -14.23
N TYR A 384 -20.86 -11.50 -15.55
CA TYR A 384 -20.30 -10.36 -16.24
C TYR A 384 -20.85 -9.01 -15.80
N SER A 385 -22.00 -9.01 -15.14
CA SER A 385 -22.61 -7.76 -14.70
C SER A 385 -22.16 -7.42 -13.29
N ASN A 386 -21.41 -8.34 -12.68
CA ASN A 386 -20.90 -8.14 -11.33
C ASN A 386 -19.53 -7.46 -11.41
N GLU A 387 -19.52 -6.17 -11.10
CA GLU A 387 -18.32 -5.36 -11.14
C GLU A 387 -17.12 -6.03 -10.45
N GLU A 388 -17.38 -6.66 -9.32
CA GLU A 388 -16.33 -7.33 -8.56
C GLU A 388 -15.83 -8.57 -9.32
N HIS A 389 -16.68 -9.15 -10.16
CA HIS A 389 -16.30 -10.30 -10.94
C HIS A 389 -15.44 -9.82 -12.10
N MET A 390 -15.85 -8.72 -12.71
CA MET A 390 -15.11 -8.15 -13.83
C MET A 390 -13.76 -7.62 -13.38
N THR A 391 -13.70 -7.07 -12.17
CA THR A 391 -12.45 -6.55 -11.64
C THR A 391 -11.45 -7.69 -11.52
N LEU A 392 -11.89 -8.83 -11.01
CA LEU A 392 -11.00 -9.98 -10.87
C LEU A 392 -10.60 -10.54 -12.23
N LEU A 393 -11.53 -10.52 -13.18
CA LEU A 393 -11.22 -11.01 -14.51
C LEU A 393 -10.16 -10.11 -15.18
N LYS A 394 -10.26 -8.81 -14.96
CA LYS A 394 -9.29 -7.90 -15.56
C LYS A 394 -7.92 -8.12 -14.91
N MET A 395 -7.91 -8.49 -13.64
CA MET A 395 -6.67 -8.75 -12.92
C MET A 395 -6.03 -10.02 -13.47
N ILE A 396 -6.85 -11.02 -13.76
CA ILE A 396 -6.34 -12.27 -14.29
C ILE A 396 -5.84 -12.05 -15.72
N LEU A 397 -6.49 -11.16 -16.46
CA LEU A 397 -6.09 -10.88 -17.82
C LEU A 397 -4.71 -10.21 -17.89
N ILE A 398 -4.49 -9.17 -17.10
CA ILE A 398 -3.19 -8.50 -17.12
C ILE A 398 -2.13 -9.45 -16.58
N LYS A 399 -2.51 -10.29 -15.62
CA LYS A 399 -1.58 -11.27 -15.07
C LYS A 399 -1.17 -12.23 -16.18
N CYS A 400 -2.15 -12.72 -16.92
CA CYS A 400 -1.90 -13.65 -18.01
C CYS A 400 -0.91 -13.07 -19.02
N CYS A 401 -1.12 -11.82 -19.41
CA CYS A 401 -0.26 -11.16 -20.38
C CYS A 401 1.15 -10.88 -19.88
N ASP A 402 1.24 -10.56 -18.59
CA ASP A 402 2.51 -10.24 -17.97
C ASP A 402 3.48 -11.43 -18.00
N ILE A 403 2.99 -12.63 -17.74
CA ILE A 403 3.86 -13.80 -17.73
C ILE A 403 3.57 -14.75 -18.90
N SER A 404 3.07 -14.19 -20.01
CA SER A 404 2.72 -14.99 -21.19
C SER A 404 3.81 -15.40 -22.20
N ASN A 405 5.07 -15.09 -21.93
CA ASN A 405 6.12 -15.46 -22.88
C ASN A 405 6.05 -16.88 -23.42
N GLU A 406 5.90 -17.87 -22.56
CA GLU A 406 5.84 -19.25 -23.02
C GLU A 406 4.61 -19.61 -23.86
N VAL A 407 3.68 -18.67 -24.00
CA VAL A 407 2.50 -18.89 -24.81
C VAL A 407 2.87 -18.64 -26.27
N ARG A 408 3.93 -17.86 -26.47
CA ARG A 408 4.37 -17.53 -27.82
C ARG A 408 5.15 -18.66 -28.48
N PRO A 409 5.37 -18.58 -29.81
CA PRO A 409 6.12 -19.60 -30.53
C PRO A 409 7.49 -19.84 -29.89
N MET A 410 7.90 -21.10 -29.85
CA MET A 410 9.16 -21.49 -29.24
C MET A 410 10.36 -20.58 -29.57
N GLU A 411 10.52 -20.24 -30.84
CA GLU A 411 11.65 -19.40 -31.25
C GLU A 411 11.54 -17.99 -30.68
N VAL A 412 10.32 -17.55 -30.41
CA VAL A 412 10.10 -16.21 -29.86
C VAL A 412 10.20 -16.22 -28.35
N ALA A 413 9.71 -17.30 -27.75
CA ALA A 413 9.69 -17.42 -26.30
C ALA A 413 11.00 -17.79 -25.63
N GLU A 414 11.77 -18.69 -26.24
CA GLU A 414 13.01 -19.15 -25.62
C GLU A 414 14.04 -18.10 -25.22
N PRO A 415 14.31 -17.12 -26.11
CA PRO A 415 15.30 -16.13 -25.69
C PRO A 415 14.95 -15.36 -24.41
N TRP A 416 13.66 -15.26 -24.08
CA TRP A 416 13.27 -14.55 -22.85
C TRP A 416 13.79 -15.25 -21.60
N VAL A 417 13.88 -16.58 -21.63
CA VAL A 417 14.37 -17.28 -20.45
C VAL A 417 15.79 -16.83 -20.12
N ASP A 418 16.64 -16.70 -21.14
CA ASP A 418 18.01 -16.28 -20.90
C ASP A 418 18.01 -14.89 -20.28
N CYS A 419 17.18 -14.01 -20.82
CA CYS A 419 17.08 -12.65 -20.29
C CYS A 419 16.63 -12.69 -18.82
N LEU A 420 15.65 -13.53 -18.52
CA LEU A 420 15.16 -13.67 -17.16
C LEU A 420 16.25 -14.14 -16.22
N LEU A 421 16.93 -15.21 -16.60
CA LEU A 421 17.98 -15.75 -15.76
C LEU A 421 19.14 -14.76 -15.62
N GLU A 422 19.36 -13.96 -16.64
CA GLU A 422 20.44 -12.99 -16.54
C GLU A 422 20.10 -12.05 -15.39
N GLU A 423 18.92 -11.44 -15.47
CA GLU A 423 18.47 -10.52 -14.45
C GLU A 423 18.42 -11.19 -13.06
N TYR A 424 17.93 -12.41 -13.01
CA TYR A 424 17.85 -13.16 -11.77
C TYR A 424 19.24 -13.39 -11.14
N PHE A 425 20.21 -13.73 -11.97
CA PHE A 425 21.57 -13.96 -11.48
C PHE A 425 22.18 -12.66 -11.00
N MET A 426 21.91 -11.59 -11.74
CA MET A 426 22.42 -10.28 -11.37
C MET A 426 22.00 -9.99 -9.93
N GLN A 427 20.84 -10.50 -9.53
CA GLN A 427 20.31 -10.28 -8.18
C GLN A 427 20.87 -11.26 -7.15
N SER A 428 20.83 -12.56 -7.47
CA SER A 428 21.34 -13.57 -6.56
C SER A 428 22.83 -13.35 -6.29
N ASP A 429 23.54 -12.83 -7.29
CA ASP A 429 24.96 -12.53 -7.15
C ASP A 429 25.09 -11.49 -6.04
N ARG A 430 24.36 -10.38 -6.22
CA ARG A 430 24.36 -9.29 -5.26
C ARG A 430 23.93 -9.74 -3.87
N GLU A 431 22.83 -10.49 -3.79
CA GLU A 431 22.36 -10.96 -2.49
C GLU A 431 23.41 -11.81 -1.78
N LYS A 432 24.31 -12.39 -2.58
CA LYS A 432 25.38 -13.22 -2.03
C LYS A 432 26.52 -12.37 -1.48
N SER A 433 26.97 -11.38 -2.27
CA SER A 433 28.04 -10.50 -1.82
C SER A 433 27.48 -9.42 -0.90
N GLU A 434 26.36 -9.71 -0.24
CA GLU A 434 25.73 -8.76 0.68
C GLU A 434 25.16 -9.52 1.88
N GLY A 435 25.30 -10.84 1.88
CA GLY A 435 24.82 -11.63 2.99
C GLY A 435 23.30 -11.75 3.10
N LEU A 436 22.59 -11.26 2.09
CA LEU A 436 21.12 -11.33 2.08
C LEU A 436 20.68 -12.71 1.60
N PRO A 437 19.45 -13.12 1.96
CA PRO A 437 18.98 -14.44 1.52
C PRO A 437 19.00 -14.56 -0.01
N VAL A 438 19.01 -15.80 -0.50
CA VAL A 438 19.01 -16.06 -1.93
C VAL A 438 17.98 -17.13 -2.21
N ALA A 439 17.15 -16.87 -3.21
CA ALA A 439 16.11 -17.81 -3.60
C ALA A 439 16.71 -18.87 -4.53
N PRO A 440 16.39 -20.14 -4.29
CA PRO A 440 16.91 -21.24 -5.12
C PRO A 440 16.63 -21.03 -6.62
N PHE A 441 15.40 -20.65 -6.95
CA PHE A 441 15.03 -20.45 -8.36
C PHE A 441 15.79 -19.30 -9.00
N MET A 442 16.62 -18.61 -8.21
CA MET A 442 17.42 -17.50 -8.72
C MET A 442 18.90 -17.80 -8.50
N ASP A 443 19.17 -18.95 -7.88
CA ASP A 443 20.54 -19.39 -7.57
C ASP A 443 21.31 -19.85 -8.81
N ARG A 444 22.43 -19.16 -9.08
CA ARG A 444 23.27 -19.47 -10.24
C ARG A 444 23.80 -20.90 -10.25
N ASP A 445 23.75 -21.56 -9.10
CA ASP A 445 24.26 -22.92 -9.01
C ASP A 445 23.18 -23.99 -9.04
N LYS A 446 21.91 -23.58 -8.94
CA LYS A 446 20.82 -24.56 -8.94
C LYS A 446 19.81 -24.46 -10.07
N VAL A 447 19.75 -23.31 -10.73
CA VAL A 447 18.76 -23.13 -11.79
C VAL A 447 19.25 -23.26 -13.21
N THR A 448 18.53 -24.05 -14.00
CA THR A 448 18.85 -24.23 -15.40
C THR A 448 17.69 -23.66 -16.18
N LYS A 449 17.89 -23.42 -17.46
CA LYS A 449 16.87 -22.88 -18.33
C LYS A 449 15.61 -23.73 -18.26
N ALA A 450 15.78 -25.05 -18.23
CA ALA A 450 14.65 -25.96 -18.18
C ALA A 450 13.93 -26.01 -16.82
N THR A 451 14.68 -26.12 -15.74
CA THR A 451 14.06 -26.20 -14.42
C THR A 451 13.43 -24.87 -14.03
N ALA A 452 13.79 -23.82 -14.75
CA ALA A 452 13.24 -22.49 -14.49
C ALA A 452 11.85 -22.39 -15.11
N GLN A 453 11.61 -23.17 -16.17
CA GLN A 453 10.34 -23.14 -16.90
C GLN A 453 9.34 -24.26 -16.59
N ILE A 454 9.82 -25.48 -16.46
CA ILE A 454 8.92 -26.60 -16.23
C ILE A 454 7.89 -26.36 -15.13
N GLY A 455 8.36 -26.05 -13.93
CA GLY A 455 7.45 -25.81 -12.82
C GLY A 455 6.56 -24.60 -13.05
N PHE A 456 7.16 -23.51 -13.53
CA PHE A 456 6.40 -22.31 -13.79
C PHE A 456 5.26 -22.59 -14.77
N ILE A 457 5.54 -23.40 -15.79
CA ILE A 457 4.53 -23.73 -16.77
C ILE A 457 3.43 -24.63 -16.22
N LYS A 458 3.85 -25.70 -15.53
CA LYS A 458 2.90 -26.65 -14.98
C LYS A 458 2.07 -26.17 -13.81
N PHE A 459 2.65 -25.37 -12.91
CA PHE A 459 1.92 -24.92 -11.74
C PHE A 459 1.51 -23.47 -11.69
N VAL A 460 1.90 -22.69 -12.69
CA VAL A 460 1.49 -21.30 -12.71
C VAL A 460 0.74 -20.97 -13.98
N LEU A 461 1.40 -21.09 -15.13
CA LEU A 461 0.77 -20.77 -16.41
C LEU A 461 -0.41 -21.65 -16.83
N ILE A 462 -0.21 -22.96 -16.91
CA ILE A 462 -1.30 -23.83 -17.32
C ILE A 462 -2.55 -23.72 -16.43
N PRO A 463 -2.39 -23.78 -15.10
CA PRO A 463 -3.56 -23.67 -14.23
C PRO A 463 -4.34 -22.38 -14.46
N MET A 464 -3.62 -21.26 -14.54
CA MET A 464 -4.26 -19.97 -14.75
C MET A 464 -5.00 -19.92 -16.08
N PHE A 465 -4.34 -20.30 -17.17
CA PHE A 465 -4.99 -20.27 -18.47
C PHE A 465 -6.13 -21.29 -18.57
N GLU A 466 -6.09 -22.36 -17.78
CA GLU A 466 -7.16 -23.34 -17.80
C GLU A 466 -8.43 -22.70 -17.25
N THR A 467 -8.29 -21.97 -16.14
CA THR A 467 -9.43 -21.31 -15.53
C THR A 467 -10.01 -20.32 -16.53
N VAL A 468 -9.12 -19.55 -17.17
CA VAL A 468 -9.54 -18.58 -18.16
C VAL A 468 -10.29 -19.23 -19.31
N THR A 469 -9.89 -20.46 -19.67
CA THR A 469 -10.54 -21.18 -20.76
C THR A 469 -11.99 -21.49 -20.42
N LYS A 470 -12.27 -21.68 -19.13
CA LYS A 470 -13.63 -21.97 -18.70
C LYS A 470 -14.55 -20.83 -19.12
N LEU A 471 -13.97 -19.65 -19.31
CA LEU A 471 -14.71 -18.46 -19.72
C LEU A 471 -14.59 -18.24 -21.23
N PHE A 472 -13.41 -18.50 -21.78
CA PHE A 472 -13.16 -18.35 -23.22
C PHE A 472 -12.51 -19.61 -23.76
N PRO A 473 -13.30 -20.52 -24.33
CA PRO A 473 -12.85 -21.79 -24.91
C PRO A 473 -11.78 -21.69 -26.00
N MET A 474 -11.84 -20.63 -26.80
CA MET A 474 -10.86 -20.46 -27.87
C MET A 474 -9.45 -20.31 -27.32
N VAL A 475 -9.33 -19.98 -26.04
CA VAL A 475 -8.05 -19.82 -25.39
C VAL A 475 -7.26 -21.13 -25.33
N GLU A 476 -7.96 -22.24 -25.11
CA GLU A 476 -7.31 -23.54 -25.03
C GLU A 476 -6.46 -23.89 -26.24
N GLU A 477 -7.02 -23.68 -27.42
CA GLU A 477 -6.32 -24.01 -28.66
C GLU A 477 -5.18 -23.06 -28.99
N ILE A 478 -5.42 -21.77 -28.80
CA ILE A 478 -4.43 -20.76 -29.12
C ILE A 478 -3.34 -20.55 -28.06
N MET A 479 -3.65 -20.80 -26.80
CA MET A 479 -2.66 -20.55 -25.76
C MET A 479 -2.27 -21.71 -24.86
N LEU A 480 -3.21 -22.60 -24.55
CA LEU A 480 -2.89 -23.74 -23.71
C LEU A 480 -2.06 -24.74 -24.50
N GLN A 481 -2.31 -24.79 -25.80
CA GLN A 481 -1.60 -25.72 -26.68
C GLN A 481 -0.10 -25.42 -26.70
N PRO A 482 0.30 -24.17 -27.02
CA PRO A 482 1.74 -23.91 -27.03
C PRO A 482 2.37 -24.14 -25.65
N LEU A 483 1.59 -23.96 -24.60
CA LEU A 483 2.12 -24.18 -23.26
C LEU A 483 2.42 -25.66 -23.04
N TRP A 484 1.54 -26.53 -23.52
CA TRP A 484 1.75 -27.97 -23.36
C TRP A 484 3.01 -28.39 -24.12
N GLU A 485 3.16 -27.88 -25.33
CA GLU A 485 4.31 -28.19 -26.15
C GLU A 485 5.59 -27.70 -25.49
N SER A 486 5.55 -26.49 -24.96
CA SER A 486 6.72 -25.92 -24.30
C SER A 486 7.11 -26.77 -23.10
N ARG A 487 6.11 -27.17 -22.32
CA ARG A 487 6.36 -27.99 -21.15
C ARG A 487 7.06 -29.29 -21.52
N ASP A 488 6.56 -29.96 -22.54
CA ASP A 488 7.15 -31.21 -23.00
C ASP A 488 8.56 -31.01 -23.52
N ARG A 489 8.75 -29.95 -24.28
CA ARG A 489 10.06 -29.66 -24.83
C ARG A 489 11.08 -29.43 -23.71
N TYR A 490 10.70 -28.66 -22.69
CA TYR A 490 11.62 -28.41 -21.59
C TYR A 490 11.91 -29.65 -20.77
N GLU A 491 10.94 -30.55 -20.65
CA GLU A 491 11.18 -31.76 -19.89
C GLU A 491 12.20 -32.63 -20.61
N GLU A 492 12.25 -32.52 -21.94
CA GLU A 492 13.21 -33.27 -22.73
C GLU A 492 14.58 -32.62 -22.58
N LEU A 493 14.60 -31.30 -22.58
CA LEU A 493 15.85 -30.55 -22.43
C LEU A 493 16.45 -30.84 -21.06
N LYS A 494 15.60 -30.96 -20.05
CA LYS A 494 16.07 -31.26 -18.72
C LYS A 494 16.79 -32.60 -18.67
N ARG A 495 16.29 -33.58 -19.42
CA ARG A 495 16.94 -34.89 -19.41
C ARG A 495 18.31 -34.86 -20.03
N ILE A 496 18.49 -34.05 -21.07
CA ILE A 496 19.79 -33.94 -21.71
C ILE A 496 20.72 -33.19 -20.77
N ASP A 497 20.15 -32.25 -20.02
CA ASP A 497 20.91 -31.47 -19.06
C ASP A 497 21.34 -32.32 -17.89
N ASP A 498 20.47 -33.23 -17.46
CA ASP A 498 20.81 -34.10 -16.35
C ASP A 498 21.91 -35.06 -16.77
N ALA A 499 21.88 -35.46 -18.04
CA ALA A 499 22.86 -36.38 -18.60
C ALA A 499 24.24 -35.75 -18.54
N MET A 500 24.33 -34.50 -19.00
CA MET A 500 25.60 -33.78 -18.97
C MET A 500 26.09 -33.64 -17.52
N LYS A 501 25.16 -33.39 -16.60
CA LYS A 501 25.52 -33.24 -15.18
C LYS A 501 26.11 -34.54 -14.64
N GLU A 502 25.57 -35.68 -15.08
CA GLU A 502 26.04 -37.00 -14.65
C GLU A 502 27.50 -37.19 -15.07
N LEU A 503 27.85 -36.59 -16.20
CA LEU A 503 29.20 -36.69 -16.74
C LEU A 503 30.14 -35.72 -16.06
N GLN A 504 29.61 -34.87 -15.20
CA GLN A 504 30.42 -33.89 -14.48
C GLN A 504 30.59 -34.31 -13.02
N LYS A 505 29.82 -35.31 -12.61
CA LYS A 505 29.87 -35.81 -11.25
C LYS A 505 31.19 -36.50 -10.93
N LYS A 506 31.79 -36.12 -9.80
CA LYS A 506 33.06 -36.69 -9.35
C LYS A 506 32.91 -37.46 -8.02
N LYS B 185 14.04 21.39 34.86
CA LYS B 185 12.72 21.07 34.21
C LYS B 185 12.73 19.69 33.54
N TYR B 186 13.70 19.47 32.64
CA TYR B 186 13.79 18.20 31.94
C TYR B 186 14.14 17.04 32.87
N LEU B 187 14.20 17.32 34.15
CA LEU B 187 14.47 16.29 35.16
C LEU B 187 13.15 16.08 35.88
N LEU B 188 12.37 15.13 35.39
CA LEU B 188 11.06 14.82 35.95
C LEU B 188 11.08 14.54 37.44
N SER B 189 10.10 15.08 38.15
CA SER B 189 9.98 14.88 39.59
C SER B 189 9.20 13.61 39.88
N PRO B 190 9.33 13.08 41.10
CA PRO B 190 8.61 11.86 41.48
C PRO B 190 7.11 12.01 41.24
N GLU B 191 6.58 13.18 41.54
CA GLU B 191 5.15 13.43 41.35
C GLU B 191 4.80 13.27 39.88
N THR B 192 5.57 13.91 39.01
CA THR B 192 5.34 13.84 37.57
C THR B 192 5.41 12.40 37.10
N ILE B 193 6.45 11.68 37.51
CA ILE B 193 6.64 10.29 37.11
C ILE B 193 5.46 9.40 37.48
N GLU B 194 4.74 9.74 38.53
CA GLU B 194 3.60 8.96 38.97
C GLU B 194 2.33 9.37 38.25
N ALA B 195 2.21 10.66 37.95
CA ALA B 195 1.04 11.18 37.27
C ALA B 195 1.03 10.80 35.79
N LEU B 196 2.23 10.57 35.25
CA LEU B 196 2.42 10.22 33.86
C LEU B 196 1.77 8.88 33.50
N ARG B 197 1.42 8.09 34.50
CA ARG B 197 0.82 6.79 34.27
C ARG B 197 -0.69 6.77 34.20
N LYS B 198 -1.31 7.92 34.39
CA LYS B 198 -2.76 7.97 34.38
C LYS B 198 -3.27 8.89 33.29
N PRO B 199 -4.46 8.59 32.76
CA PRO B 199 -5.11 9.38 31.70
C PRO B 199 -5.53 10.77 32.12
N THR B 200 -5.25 11.14 33.36
CA THR B 200 -5.58 12.46 33.87
C THR B 200 -4.41 13.43 33.74
N PHE B 201 -3.26 12.89 33.34
CA PHE B 201 -2.04 13.68 33.16
C PHE B 201 -2.34 14.92 32.31
N ASP B 202 -1.93 16.10 32.78
CA ASP B 202 -2.18 17.33 32.02
C ASP B 202 -1.09 17.52 30.97
N VAL B 203 -1.44 17.23 29.72
CA VAL B 203 -0.50 17.33 28.62
C VAL B 203 -0.16 18.75 28.21
N TRP B 204 -0.90 19.71 28.71
CA TRP B 204 -0.66 21.11 28.35
C TRP B 204 0.39 21.84 29.17
N LEU B 205 0.74 21.27 30.33
CA LEU B 205 1.72 21.88 31.22
C LEU B 205 3.16 21.86 30.76
N TRP B 206 3.53 20.84 29.99
CA TRP B 206 4.92 20.70 29.57
C TRP B 206 5.33 21.22 28.22
N GLU B 207 6.61 21.57 28.11
CA GLU B 207 7.17 22.04 26.86
C GLU B 207 7.79 20.83 26.17
N PRO B 208 8.11 20.96 24.87
CA PRO B 208 8.69 19.83 24.15
C PRO B 208 9.84 19.07 24.81
N ASN B 209 10.83 19.77 25.36
CA ASN B 209 11.95 19.07 25.99
C ASN B 209 11.49 18.25 27.19
N GLU B 210 10.44 18.70 27.86
CA GLU B 210 9.93 17.98 29.02
C GLU B 210 9.15 16.77 28.56
N MET B 211 8.40 16.93 27.48
CA MET B 211 7.62 15.83 26.93
C MET B 211 8.56 14.76 26.42
N LEU B 212 9.67 15.21 25.82
CA LEU B 212 10.68 14.29 25.31
C LEU B 212 11.22 13.48 26.48
N SER B 213 11.51 14.16 27.58
CA SER B 213 12.01 13.50 28.78
C SER B 213 10.99 12.48 29.29
N CYS B 214 9.72 12.84 29.24
CA CYS B 214 8.65 11.94 29.67
C CYS B 214 8.66 10.67 28.83
N LEU B 215 8.73 10.84 27.50
CA LEU B 215 8.75 9.73 26.57
C LEU B 215 9.95 8.85 26.86
N GLU B 216 11.10 9.49 27.06
CA GLU B 216 12.32 8.77 27.36
C GLU B 216 12.09 7.89 28.59
N HIS B 217 11.51 8.49 29.62
CA HIS B 217 11.24 7.77 30.86
C HIS B 217 10.41 6.51 30.59
N MET B 218 9.38 6.66 29.79
CA MET B 218 8.49 5.55 29.45
C MET B 218 9.24 4.35 28.90
N TYR B 219 10.27 4.58 28.09
CA TYR B 219 11.03 3.47 27.53
C TYR B 219 11.89 2.73 28.56
N HIS B 220 12.39 3.46 29.56
CA HIS B 220 13.19 2.85 30.62
C HIS B 220 12.21 2.12 31.53
N ASP B 221 11.20 2.87 31.99
CA ASP B 221 10.19 2.34 32.89
C ASP B 221 9.52 1.05 32.40
N LEU B 222 9.24 0.95 31.10
CA LEU B 222 8.60 -0.23 30.56
C LEU B 222 9.55 -1.41 30.35
N GLY B 223 10.85 -1.16 30.55
CA GLY B 223 11.83 -2.21 30.38
C GLY B 223 12.25 -2.43 28.93
N LEU B 224 11.81 -1.53 28.06
CA LEU B 224 12.14 -1.60 26.64
C LEU B 224 13.64 -1.35 26.42
N VAL B 225 14.21 -0.46 27.22
CA VAL B 225 15.64 -0.18 27.11
C VAL B 225 16.43 -1.43 27.51
N ARG B 226 16.06 -2.06 28.61
CA ARG B 226 16.75 -3.26 29.06
C ARG B 226 16.56 -4.41 28.07
N ASP B 227 15.31 -4.83 27.92
CA ASP B 227 14.97 -5.96 27.06
C ASP B 227 15.37 -5.86 25.59
N PHE B 228 15.67 -4.66 25.08
CA PHE B 228 16.07 -4.55 23.69
C PHE B 228 17.45 -3.94 23.51
N SER B 229 18.14 -3.72 24.63
CA SER B 229 19.48 -3.15 24.62
C SER B 229 19.52 -1.83 23.86
N ILE B 230 18.54 -0.98 24.10
CA ILE B 230 18.52 0.31 23.41
C ILE B 230 19.58 1.19 24.04
N ASN B 231 20.51 1.69 23.22
CA ASN B 231 21.53 2.56 23.78
C ASN B 231 20.79 3.78 24.27
N PRO B 232 20.88 4.08 25.57
CA PRO B 232 20.21 5.23 26.17
C PRO B 232 20.42 6.54 25.44
N VAL B 233 21.62 6.73 24.89
CA VAL B 233 21.93 7.97 24.19
C VAL B 233 21.18 8.02 22.86
N THR B 234 21.13 6.87 22.20
CA THR B 234 20.44 6.75 20.93
C THR B 234 18.95 7.06 21.14
N LEU B 235 18.41 6.59 22.27
CA LEU B 235 17.01 6.82 22.59
C LEU B 235 16.69 8.32 22.62
N ARG B 236 17.64 9.12 23.10
CA ARG B 236 17.43 10.57 23.16
C ARG B 236 17.52 11.23 21.81
N ARG B 237 18.51 10.85 21.01
CA ARG B 237 18.67 11.44 19.68
C ARG B 237 17.43 11.11 18.83
N TRP B 238 16.98 9.86 18.92
CA TRP B 238 15.81 9.39 18.20
C TRP B 238 14.59 10.25 18.50
N LEU B 239 14.30 10.42 19.79
CA LEU B 239 13.16 11.23 20.22
C LEU B 239 13.29 12.64 19.69
N PHE B 240 14.52 13.13 19.59
CA PHE B 240 14.72 14.48 19.08
C PHE B 240 14.44 14.52 17.58
N CYS B 241 14.75 13.43 16.89
CA CYS B 241 14.50 13.36 15.45
C CYS B 241 13.01 13.26 15.21
N VAL B 242 12.33 12.43 16.01
CA VAL B 242 10.89 12.30 15.87
C VAL B 242 10.28 13.67 16.04
N HIS B 243 10.66 14.35 17.11
CA HIS B 243 10.15 15.69 17.39
C HIS B 243 10.39 16.65 16.22
N ASP B 244 11.58 16.58 15.65
CA ASP B 244 11.93 17.46 14.54
C ASP B 244 11.06 17.18 13.30
N ASN B 245 10.62 15.93 13.17
CA ASN B 245 9.82 15.54 12.03
C ASN B 245 8.31 15.71 12.15
N TYR B 246 7.87 16.42 13.19
CA TYR B 246 6.46 16.70 13.33
C TYR B 246 6.35 18.17 12.92
N ARG B 247 5.25 18.56 12.30
CA ARG B 247 5.10 19.95 11.88
C ARG B 247 4.26 20.75 12.84
N ASN B 248 4.36 22.07 12.74
CA ASN B 248 3.61 22.96 13.60
C ASN B 248 2.17 23.15 13.15
N ASN B 249 1.42 22.05 13.04
CA ASN B 249 0.02 22.13 12.65
C ASN B 249 -0.76 22.42 13.92
N PRO B 250 -1.97 22.96 13.79
CA PRO B 250 -2.73 23.23 15.01
C PRO B 250 -3.12 21.97 15.79
N PHE B 251 -3.42 20.88 15.08
CA PHE B 251 -3.81 19.64 15.76
C PHE B 251 -2.75 18.53 15.63
N HIS B 252 -2.44 18.16 14.39
CA HIS B 252 -1.47 17.09 14.17
C HIS B 252 -0.04 17.58 14.33
N ASN B 253 0.34 17.77 15.59
CA ASN B 253 1.66 18.25 15.96
C ASN B 253 2.29 17.32 16.99
N PHE B 254 3.47 17.70 17.46
CA PHE B 254 4.17 16.89 18.43
C PHE B 254 3.40 16.60 19.70
N ARG B 255 2.60 17.56 20.17
CA ARG B 255 1.83 17.33 21.40
C ARG B 255 0.79 16.22 21.20
N HIS B 256 0.22 16.13 19.99
CA HIS B 256 -0.77 15.08 19.70
C HIS B 256 -0.02 13.74 19.79
N CYS B 257 1.18 13.73 19.24
CA CYS B 257 2.06 12.58 19.27
C CYS B 257 2.24 12.15 20.74
N PHE B 258 2.51 13.12 21.60
CA PHE B 258 2.71 12.85 23.02
C PHE B 258 1.45 12.31 23.71
N CYS B 259 0.30 12.89 23.41
CA CYS B 259 -0.96 12.43 24.00
C CYS B 259 -1.24 10.97 23.69
N VAL B 260 -1.05 10.59 22.43
CA VAL B 260 -1.30 9.23 22.00
C VAL B 260 -0.38 8.25 22.72
N ALA B 261 0.90 8.58 22.77
CA ALA B 261 1.87 7.72 23.42
C ALA B 261 1.64 7.67 24.93
N GLN B 262 1.31 8.83 25.50
CA GLN B 262 1.06 8.93 26.93
C GLN B 262 -0.19 8.14 27.28
N MET B 263 -1.18 8.16 26.38
CA MET B 263 -2.42 7.42 26.62
C MET B 263 -2.15 5.91 26.46
N MET B 264 -1.24 5.56 25.56
CA MET B 264 -0.89 4.16 25.34
C MET B 264 -0.16 3.68 26.61
N TYR B 265 0.72 4.54 27.11
CA TYR B 265 1.46 4.26 28.34
C TYR B 265 0.44 4.03 29.48
N SER B 266 -0.52 4.92 29.61
CA SER B 266 -1.55 4.79 30.64
C SER B 266 -2.25 3.44 30.51
N MET B 267 -2.62 3.09 29.28
CA MET B 267 -3.32 1.85 29.01
C MET B 267 -2.52 0.62 29.41
N VAL B 268 -1.21 0.64 29.16
CA VAL B 268 -0.36 -0.49 29.52
C VAL B 268 -0.51 -0.80 31.02
N TRP B 269 -0.57 0.25 31.83
CA TRP B 269 -0.72 0.08 33.28
C TRP B 269 -2.15 -0.26 33.69
N LEU B 270 -3.11 0.51 33.19
CA LEU B 270 -4.51 0.30 33.51
C LEU B 270 -5.01 -1.10 33.17
N CYS B 271 -4.61 -1.60 32.00
CA CYS B 271 -5.06 -2.91 31.56
C CYS B 271 -4.05 -4.02 31.85
N SER B 272 -2.90 -3.66 32.41
CA SER B 272 -1.84 -4.63 32.73
C SER B 272 -1.42 -5.35 31.46
N LEU B 273 -1.24 -4.59 30.39
CA LEU B 273 -0.89 -5.16 29.10
C LEU B 273 0.40 -5.99 29.08
N GLN B 274 1.28 -5.76 30.05
CA GLN B 274 2.53 -6.54 30.08
C GLN B 274 2.27 -7.98 30.52
N GLU B 275 1.02 -8.24 30.92
CA GLU B 275 0.62 -9.58 31.32
C GLU B 275 0.06 -10.30 30.11
N LYS B 276 -0.43 -9.52 29.14
CA LYS B 276 -1.01 -10.09 27.93
C LYS B 276 -0.11 -10.06 26.71
N PHE B 277 0.76 -9.05 26.64
CA PHE B 277 1.67 -8.89 25.50
C PHE B 277 3.15 -9.04 25.83
N SER B 278 3.93 -9.48 24.86
CA SER B 278 5.36 -9.63 25.02
C SER B 278 5.99 -8.24 25.01
N GLN B 279 7.26 -8.16 25.35
CA GLN B 279 7.95 -6.87 25.34
C GLN B 279 8.08 -6.32 23.92
N THR B 280 8.04 -7.22 22.94
CA THR B 280 8.13 -6.81 21.55
C THR B 280 6.83 -6.11 21.14
N ASP B 281 5.70 -6.63 21.61
CA ASP B 281 4.42 -6.03 21.31
C ASP B 281 4.28 -4.68 21.99
N ILE B 282 4.77 -4.59 23.22
CA ILE B 282 4.71 -3.33 23.96
C ILE B 282 5.57 -2.33 23.19
N LEU B 283 6.71 -2.79 22.70
CA LEU B 283 7.61 -1.92 21.93
C LEU B 283 6.91 -1.43 20.67
N ILE B 284 6.22 -2.34 19.99
CA ILE B 284 5.51 -2.00 18.76
C ILE B 284 4.43 -0.95 19.05
N LEU B 285 3.63 -1.20 20.09
CA LEU B 285 2.58 -0.26 20.48
C LEU B 285 3.12 1.12 20.83
N MET B 286 4.18 1.15 21.65
CA MET B 286 4.76 2.42 22.06
C MET B 286 5.42 3.18 20.93
N THR B 287 6.21 2.47 20.11
CA THR B 287 6.90 3.14 19.02
C THR B 287 5.92 3.55 17.90
N ALA B 288 4.91 2.73 17.63
CA ALA B 288 3.92 3.06 16.62
C ALA B 288 3.19 4.33 17.05
N ALA B 289 2.77 4.37 18.31
CA ALA B 289 2.04 5.51 18.85
C ALA B 289 2.82 6.81 18.67
N ILE B 290 4.11 6.77 18.98
CA ILE B 290 4.96 7.94 18.86
C ILE B 290 5.14 8.40 17.43
N CYS B 291 5.26 7.45 16.50
CA CYS B 291 5.49 7.78 15.09
C CYS B 291 4.27 7.86 14.18
N HIS B 292 3.10 7.46 14.68
CA HIS B 292 1.91 7.40 13.85
C HIS B 292 1.50 8.60 13.00
N ASP B 293 1.91 9.80 13.35
CA ASP B 293 1.53 10.97 12.55
C ASP B 293 2.71 11.79 12.07
N LEU B 294 3.87 11.16 11.95
CA LEU B 294 5.06 11.88 11.50
C LEU B 294 4.89 12.69 10.21
N ASP B 295 5.37 13.92 10.25
CA ASP B 295 5.34 14.82 9.09
C ASP B 295 3.96 15.06 8.47
N HIS B 296 2.91 14.94 9.28
CA HIS B 296 1.55 15.18 8.82
C HIS B 296 1.51 16.63 8.36
N PRO B 297 0.96 16.90 7.16
CA PRO B 297 0.87 18.26 6.61
C PRO B 297 -0.30 19.14 7.06
N GLY B 298 -1.26 18.58 7.79
CA GLY B 298 -2.37 19.40 8.25
C GLY B 298 -3.60 19.36 7.36
N TYR B 299 -3.57 18.47 6.37
CA TYR B 299 -4.67 18.28 5.43
C TYR B 299 -4.83 16.77 5.28
N ASN B 300 -6.04 16.26 5.45
CA ASN B 300 -6.27 14.83 5.38
C ASN B 300 -6.12 14.14 4.02
N ASN B 301 -6.36 12.83 3.99
CA ASN B 301 -6.22 12.07 2.78
C ASN B 301 -7.13 12.54 1.65
N THR B 302 -8.34 12.95 1.97
CA THR B 302 -9.26 13.40 0.95
C THR B 302 -8.67 14.60 0.21
N TYR B 303 -8.01 15.49 0.94
CA TYR B 303 -7.40 16.63 0.27
C TYR B 303 -6.24 16.17 -0.61
N GLN B 304 -5.40 15.28 -0.08
CA GLN B 304 -4.26 14.79 -0.86
C GLN B 304 -4.75 14.23 -2.18
N ILE B 305 -5.77 13.38 -2.10
CA ILE B 305 -6.34 12.73 -3.27
C ILE B 305 -7.04 13.67 -4.24
N ASN B 306 -7.90 14.55 -3.74
CA ASN B 306 -8.61 15.49 -4.60
C ASN B 306 -7.71 16.56 -5.22
N ALA B 307 -6.65 16.93 -4.53
CA ALA B 307 -5.73 17.94 -5.06
C ALA B 307 -4.63 17.26 -5.87
N ARG B 308 -4.70 15.92 -5.93
CA ARG B 308 -3.72 15.14 -6.66
C ARG B 308 -2.31 15.55 -6.26
N THR B 309 -2.08 15.61 -4.95
CA THR B 309 -0.80 15.99 -4.38
C THR B 309 0.32 14.98 -4.65
N GLU B 310 1.54 15.41 -4.40
CA GLU B 310 2.70 14.55 -4.59
C GLU B 310 2.52 13.25 -3.79
N LEU B 311 2.01 13.37 -2.57
CA LEU B 311 1.78 12.22 -1.70
C LEU B 311 0.73 11.27 -2.25
N ALA B 312 -0.38 11.83 -2.75
CA ALA B 312 -1.46 11.00 -3.30
C ALA B 312 -0.96 10.23 -4.52
N VAL B 313 -0.16 10.89 -5.36
CA VAL B 313 0.37 10.25 -6.55
C VAL B 313 1.43 9.23 -6.18
N ARG B 314 2.18 9.49 -5.11
CA ARG B 314 3.22 8.55 -4.70
C ARG B 314 2.62 7.28 -4.12
N TYR B 315 1.53 7.44 -3.38
CA TYR B 315 0.90 6.30 -2.75
C TYR B 315 -0.31 5.72 -3.45
N ASN B 316 -0.55 6.15 -4.68
CA ASN B 316 -1.66 5.66 -5.48
C ASN B 316 -3.01 5.72 -4.77
N ASP B 317 -3.23 6.83 -4.07
CA ASP B 317 -4.47 7.08 -3.34
C ASP B 317 -4.77 6.14 -2.18
N ILE B 318 -3.84 5.25 -1.86
CA ILE B 318 -4.03 4.32 -0.77
C ILE B 318 -3.44 4.86 0.53
N SER B 319 -4.30 5.25 1.48
CA SER B 319 -3.88 5.82 2.77
C SER B 319 -2.55 6.57 2.63
N PRO B 320 -2.51 7.58 1.76
CA PRO B 320 -1.28 8.34 1.56
C PRO B 320 -0.60 8.92 2.81
N LEU B 321 -1.37 9.57 3.69
CA LEU B 321 -0.78 10.13 4.92
C LEU B 321 -0.18 9.04 5.81
N GLU B 322 -0.97 8.02 6.15
CA GLU B 322 -0.47 6.95 7.01
C GLU B 322 0.76 6.23 6.43
N ASN B 323 0.74 5.98 5.12
CA ASN B 323 1.87 5.33 4.47
C ASN B 323 3.11 6.20 4.64
N HIS B 324 2.93 7.51 4.48
CA HIS B 324 4.00 8.46 4.61
C HIS B 324 4.54 8.50 6.05
N HIS B 325 3.64 8.59 7.03
CA HIS B 325 4.04 8.62 8.43
C HIS B 325 4.96 7.46 8.72
N CYS B 326 4.55 6.29 8.25
CA CYS B 326 5.32 5.08 8.45
C CYS B 326 6.67 5.12 7.73
N ALA B 327 6.68 5.64 6.51
CA ALA B 327 7.93 5.74 5.76
C ALA B 327 8.94 6.64 6.47
N VAL B 328 8.46 7.78 6.97
CA VAL B 328 9.35 8.71 7.68
C VAL B 328 9.88 8.06 8.95
N ALA B 329 9.02 7.30 9.63
CA ALA B 329 9.41 6.63 10.85
C ALA B 329 10.65 5.77 10.60
N PHE B 330 10.59 4.96 9.55
CA PHE B 330 11.72 4.10 9.24
C PHE B 330 12.87 4.77 8.51
N GLN B 331 12.64 5.96 7.98
CA GLN B 331 13.71 6.70 7.32
C GLN B 331 14.57 7.24 8.46
N ILE B 332 13.92 7.58 9.56
CA ILE B 332 14.62 8.08 10.74
C ILE B 332 15.39 6.92 11.38
N LEU B 333 14.69 5.82 11.63
CA LEU B 333 15.31 4.64 12.22
C LEU B 333 16.43 4.08 11.34
N ALA B 334 16.44 4.46 10.07
CA ALA B 334 17.47 3.99 9.15
C ALA B 334 18.77 4.73 9.43
N GLU B 335 18.66 5.93 9.99
CA GLU B 335 19.84 6.70 10.34
C GLU B 335 20.46 6.02 11.57
N PRO B 336 21.73 5.57 11.47
CA PRO B 336 22.36 4.91 12.61
C PRO B 336 22.33 5.68 13.94
N GLU B 337 22.42 7.00 13.88
CA GLU B 337 22.39 7.81 15.09
C GLU B 337 21.01 7.89 15.74
N CYS B 338 19.99 7.33 15.09
CA CYS B 338 18.64 7.34 15.65
C CYS B 338 18.07 5.95 15.76
N ASN B 339 18.82 4.96 15.30
CA ASN B 339 18.35 3.59 15.32
C ASN B 339 18.26 2.91 16.68
N ILE B 340 17.18 3.21 17.41
CA ILE B 340 16.98 2.61 18.73
C ILE B 340 16.89 1.08 18.64
N PHE B 341 16.82 0.55 17.43
CA PHE B 341 16.72 -0.89 17.27
C PHE B 341 18.05 -1.47 16.80
N SER B 342 19.11 -0.67 16.86
CA SER B 342 20.43 -1.11 16.40
C SER B 342 20.95 -2.40 17.03
N ASN B 343 20.51 -2.73 18.24
CA ASN B 343 20.97 -3.96 18.88
C ASN B 343 19.92 -5.05 18.94
N ILE B 344 19.06 -5.09 17.92
CA ILE B 344 18.02 -6.10 17.85
C ILE B 344 18.31 -7.00 16.66
N PRO B 345 18.30 -8.33 16.87
CA PRO B 345 18.59 -9.21 15.73
C PRO B 345 17.62 -8.94 14.57
N PRO B 346 18.08 -9.14 13.33
CA PRO B 346 17.28 -8.94 12.11
C PRO B 346 15.86 -9.49 12.18
N ASP B 347 15.72 -10.71 12.67
CA ASP B 347 14.39 -11.30 12.77
C ASP B 347 13.48 -10.48 13.68
N GLY B 348 14.07 -9.90 14.72
CA GLY B 348 13.30 -9.09 15.64
C GLY B 348 12.86 -7.80 14.96
N PHE B 349 13.79 -7.18 14.25
CA PHE B 349 13.51 -5.95 13.54
C PHE B 349 12.33 -6.17 12.59
N LYS B 350 12.42 -7.22 11.78
CA LYS B 350 11.36 -7.50 10.83
C LYS B 350 10.00 -7.64 11.51
N GLN B 351 9.95 -8.40 12.60
CA GLN B 351 8.69 -8.59 13.32
C GLN B 351 8.16 -7.27 13.89
N ILE B 352 9.06 -6.40 14.33
CA ILE B 352 8.69 -5.11 14.89
C ILE B 352 8.24 -4.16 13.78
N ARG B 353 9.00 -4.12 12.69
CA ARG B 353 8.69 -3.26 11.56
C ARG B 353 7.32 -3.59 11.00
N GLN B 354 7.06 -4.88 10.80
CA GLN B 354 5.79 -5.32 10.28
C GLN B 354 4.66 -4.91 11.22
N GLY B 355 4.92 -4.99 12.52
CA GLY B 355 3.92 -4.63 13.51
C GLY B 355 3.60 -3.16 13.48
N MET B 356 4.63 -2.32 13.45
CA MET B 356 4.45 -0.88 13.43
C MET B 356 3.70 -0.39 12.19
N ILE B 357 4.04 -0.98 11.05
CA ILE B 357 3.41 -0.63 9.79
C ILE B 357 1.92 -0.93 9.91
N THR B 358 1.59 -2.13 10.40
CA THR B 358 0.19 -2.52 10.58
C THR B 358 -0.55 -1.52 11.47
N LEU B 359 0.04 -1.19 12.62
CA LEU B 359 -0.60 -0.26 13.54
C LEU B 359 -0.70 1.17 13.01
N ILE B 360 0.35 1.67 12.38
CA ILE B 360 0.28 3.03 11.86
C ILE B 360 -0.71 3.12 10.71
N LEU B 361 -0.76 2.09 9.87
CA LEU B 361 -1.70 2.09 8.76
C LEU B 361 -3.14 1.93 9.24
N ALA B 362 -3.32 1.35 10.42
CA ALA B 362 -4.66 1.16 10.97
C ALA B 362 -5.28 2.45 11.51
N THR B 363 -4.48 3.51 11.66
CA THR B 363 -5.01 4.77 12.17
C THR B 363 -5.78 5.61 11.15
N ASP B 364 -5.89 5.13 9.91
CA ASP B 364 -6.65 5.84 8.87
C ASP B 364 -8.15 5.65 9.20
N MET B 365 -8.85 6.73 9.57
CA MET B 365 -10.25 6.59 9.94
C MET B 365 -11.17 6.07 8.84
N ALA B 366 -10.71 6.12 7.60
CA ALA B 366 -11.51 5.61 6.50
C ALA B 366 -11.75 4.12 6.73
N ARG B 367 -10.84 3.48 7.48
CA ARG B 367 -10.93 2.05 7.76
C ARG B 367 -11.56 1.76 9.12
N HIS B 368 -12.04 2.78 9.80
CA HIS B 368 -12.59 2.57 11.14
C HIS B 368 -13.63 1.47 11.33
N ALA B 369 -14.70 1.51 10.54
CA ALA B 369 -15.77 0.52 10.65
C ALA B 369 -15.26 -0.88 10.30
N GLU B 370 -14.45 -0.94 9.25
CA GLU B 370 -13.87 -2.19 8.79
C GLU B 370 -13.09 -2.85 9.94
N ILE B 371 -12.18 -2.09 10.55
CA ILE B 371 -11.38 -2.62 11.64
C ILE B 371 -12.24 -2.97 12.87
N MET B 372 -13.23 -2.12 13.17
CA MET B 372 -14.11 -2.39 14.29
C MET B 372 -14.88 -3.68 14.06
N ASP B 373 -15.33 -3.89 12.81
CA ASP B 373 -16.06 -5.11 12.46
C ASP B 373 -15.23 -6.37 12.66
N SER B 374 -13.98 -6.36 12.19
CA SER B 374 -13.10 -7.51 12.34
C SER B 374 -12.82 -7.80 13.80
N PHE B 375 -12.55 -6.75 14.56
CA PHE B 375 -12.27 -6.91 15.98
C PHE B 375 -13.47 -7.53 16.69
N LYS B 376 -14.65 -6.94 16.50
CA LYS B 376 -15.87 -7.45 17.12
C LYS B 376 -16.13 -8.90 16.72
N GLU B 377 -15.75 -9.22 15.49
CA GLU B 377 -15.92 -10.57 14.98
C GLU B 377 -15.05 -11.51 15.82
N LYS B 378 -13.81 -11.11 16.06
CA LYS B 378 -12.90 -11.92 16.86
C LYS B 378 -13.38 -11.95 18.31
N MET B 379 -13.90 -10.82 18.75
CA MET B 379 -14.38 -10.64 20.12
C MET B 379 -15.50 -11.61 20.51
N GLU B 380 -16.13 -12.24 19.52
CA GLU B 380 -17.21 -13.18 19.79
C GLU B 380 -16.67 -14.33 20.63
N ASN B 381 -15.34 -14.51 20.57
CA ASN B 381 -14.66 -15.56 21.32
C ASN B 381 -13.17 -15.25 21.25
N PHE B 382 -12.78 -14.13 21.85
CA PHE B 382 -11.38 -13.70 21.83
C PHE B 382 -10.41 -14.76 22.34
N ASP B 383 -9.23 -14.82 21.74
CA ASP B 383 -8.19 -15.78 22.09
C ASP B 383 -6.79 -15.12 22.10
N TYR B 384 -6.25 -14.89 23.29
CA TYR B 384 -4.94 -14.25 23.42
C TYR B 384 -3.81 -15.08 22.80
N SER B 385 -4.11 -16.31 22.43
CA SER B 385 -3.10 -17.17 21.82
C SER B 385 -3.09 -16.93 20.32
N ASN B 386 -4.27 -16.60 19.79
CA ASN B 386 -4.43 -16.34 18.38
C ASN B 386 -3.77 -15.03 17.95
N GLU B 387 -2.68 -15.14 17.19
CA GLU B 387 -1.94 -13.97 16.72
C GLU B 387 -2.79 -12.96 15.95
N GLU B 388 -3.77 -13.45 15.18
CA GLU B 388 -4.64 -12.55 14.42
C GLU B 388 -5.54 -11.77 15.37
N HIS B 389 -5.90 -12.38 16.48
CA HIS B 389 -6.74 -11.73 17.48
C HIS B 389 -5.91 -10.61 18.11
N MET B 390 -4.68 -10.94 18.49
CA MET B 390 -3.79 -9.96 19.12
C MET B 390 -3.41 -8.81 18.22
N THR B 391 -3.33 -9.08 16.91
CA THR B 391 -2.98 -8.04 15.96
C THR B 391 -4.13 -7.03 15.90
N LEU B 392 -5.36 -7.52 15.88
CA LEU B 392 -6.51 -6.63 15.85
C LEU B 392 -6.61 -5.82 17.11
N LEU B 393 -6.40 -6.46 18.27
CA LEU B 393 -6.46 -5.77 19.55
C LEU B 393 -5.45 -4.63 19.57
N LYS B 394 -4.24 -4.88 19.10
CA LYS B 394 -3.21 -3.85 19.04
C LYS B 394 -3.66 -2.72 18.14
N MET B 395 -4.36 -3.08 17.06
CA MET B 395 -4.86 -2.08 16.13
C MET B 395 -5.88 -1.20 16.83
N ILE B 396 -6.79 -1.83 17.58
CA ILE B 396 -7.82 -1.12 18.32
C ILE B 396 -7.17 -0.25 19.41
N LEU B 397 -6.17 -0.80 20.07
CA LEU B 397 -5.50 -0.07 21.12
C LEU B 397 -4.90 1.22 20.61
N ILE B 398 -4.15 1.16 19.51
CA ILE B 398 -3.55 2.38 18.99
C ILE B 398 -4.63 3.34 18.50
N LYS B 399 -5.71 2.79 17.93
CA LYS B 399 -6.83 3.62 17.45
C LYS B 399 -7.48 4.36 18.63
N CYS B 400 -7.64 3.68 19.76
CA CYS B 400 -8.23 4.29 20.96
C CYS B 400 -7.38 5.47 21.44
N CYS B 401 -6.08 5.27 21.54
CA CYS B 401 -5.19 6.33 22.00
C CYS B 401 -5.15 7.51 21.05
N ASP B 402 -5.22 7.23 19.76
CA ASP B 402 -5.16 8.26 18.73
C ASP B 402 -6.30 9.27 18.84
N ILE B 403 -7.51 8.80 19.11
CA ILE B 403 -8.65 9.69 19.22
C ILE B 403 -9.14 9.80 20.67
N SER B 404 -8.26 9.51 21.63
CA SER B 404 -8.60 9.53 23.05
C SER B 404 -8.67 10.89 23.75
N ASN B 405 -8.59 12.01 23.03
CA ASN B 405 -8.66 13.30 23.71
C ASN B 405 -9.84 13.47 24.68
N GLU B 406 -11.05 13.10 24.25
CA GLU B 406 -12.23 13.24 25.09
C GLU B 406 -12.30 12.33 26.33
N VAL B 407 -11.30 11.46 26.48
CA VAL B 407 -11.24 10.55 27.62
C VAL B 407 -10.55 11.31 28.76
N ARG B 408 -9.76 12.31 28.38
CA ARG B 408 -9.03 13.12 29.34
C ARG B 408 -9.92 14.11 30.08
N PRO B 409 -9.52 14.55 31.28
CA PRO B 409 -10.31 15.51 32.07
C PRO B 409 -10.73 16.69 31.22
N MET B 410 -11.98 17.12 31.40
CA MET B 410 -12.55 18.22 30.65
C MET B 410 -11.62 19.40 30.35
N GLU B 411 -10.81 19.81 31.32
CA GLU B 411 -9.90 20.93 31.13
C GLU B 411 -8.74 20.65 30.18
N VAL B 412 -8.33 19.39 30.11
CA VAL B 412 -7.24 18.99 29.23
C VAL B 412 -7.80 18.76 27.82
N ALA B 413 -8.94 18.10 27.75
CA ALA B 413 -9.61 17.77 26.48
C ALA B 413 -10.19 18.93 25.70
N GLU B 414 -10.86 19.83 26.40
CA GLU B 414 -11.51 20.98 25.78
C GLU B 414 -10.66 21.79 24.79
N PRO B 415 -9.41 22.09 25.14
CA PRO B 415 -8.55 22.87 24.23
C PRO B 415 -8.31 22.18 22.89
N TRP B 416 -8.25 20.85 22.92
CA TRP B 416 -8.01 20.09 21.69
C TRP B 416 -9.09 20.27 20.65
N VAL B 417 -10.33 20.45 21.08
CA VAL B 417 -11.41 20.65 20.13
C VAL B 417 -11.12 21.88 19.29
N ASP B 418 -10.60 22.93 19.92
CA ASP B 418 -10.26 24.15 19.18
C ASP B 418 -9.12 23.94 18.19
N CYS B 419 -8.14 23.13 18.57
CA CYS B 419 -7.02 22.84 17.68
C CYS B 419 -7.55 21.99 16.53
N LEU B 420 -8.47 21.09 16.82
CA LEU B 420 -9.06 20.21 15.81
C LEU B 420 -9.76 21.03 14.74
N LEU B 421 -10.70 21.87 15.17
CA LEU B 421 -11.45 22.68 14.22
C LEU B 421 -10.58 23.66 13.46
N GLU B 422 -9.59 24.24 14.13
CA GLU B 422 -8.71 25.19 13.46
C GLU B 422 -8.09 24.50 12.25
N GLU B 423 -7.58 23.28 12.46
CA GLU B 423 -6.97 22.53 11.38
C GLU B 423 -8.00 22.13 10.34
N TYR B 424 -9.14 21.64 10.79
CA TYR B 424 -10.21 21.26 9.88
C TYR B 424 -10.62 22.43 8.99
N PHE B 425 -10.88 23.58 9.61
CA PHE B 425 -11.32 24.76 8.88
C PHE B 425 -10.26 25.30 7.94
N MET B 426 -9.01 25.04 8.25
CA MET B 426 -7.93 25.50 7.39
C MET B 426 -8.03 24.70 6.09
N GLN B 427 -8.43 23.44 6.20
CA GLN B 427 -8.55 22.58 5.03
C GLN B 427 -9.76 22.95 4.17
N SER B 428 -10.92 23.08 4.81
CA SER B 428 -12.12 23.41 4.04
C SER B 428 -12.01 24.79 3.38
N ASP B 429 -11.34 25.74 4.01
CA ASP B 429 -11.17 27.07 3.43
C ASP B 429 -10.37 26.90 2.14
N ARG B 430 -9.24 26.23 2.28
CA ARG B 430 -8.36 25.99 1.15
C ARG B 430 -9.10 25.27 0.04
N GLU B 431 -9.91 24.28 0.39
CA GLU B 431 -10.65 23.54 -0.61
C GLU B 431 -11.64 24.47 -1.34
N LYS B 432 -12.31 25.33 -0.58
CA LYS B 432 -13.25 26.27 -1.18
C LYS B 432 -12.43 27.18 -2.11
N SER B 433 -11.32 27.68 -1.59
CA SER B 433 -10.45 28.57 -2.34
C SER B 433 -9.85 27.95 -3.60
N GLU B 434 -9.67 26.64 -3.62
CA GLU B 434 -9.08 25.98 -4.78
C GLU B 434 -10.16 25.25 -5.57
N GLY B 435 -11.41 25.47 -5.18
CA GLY B 435 -12.52 24.84 -5.87
C GLY B 435 -12.59 23.33 -5.74
N LEU B 436 -12.22 22.80 -4.58
CA LEU B 436 -12.26 21.36 -4.36
C LEU B 436 -13.43 20.99 -3.46
N PRO B 437 -13.88 19.72 -3.52
CA PRO B 437 -15.00 19.28 -2.69
C PRO B 437 -14.78 19.62 -1.21
N VAL B 438 -15.87 19.94 -0.51
CA VAL B 438 -15.78 20.27 0.91
C VAL B 438 -16.62 19.30 1.72
N ALA B 439 -16.03 18.70 2.74
CA ALA B 439 -16.76 17.77 3.59
C ALA B 439 -17.54 18.55 4.63
N PRO B 440 -18.87 18.41 4.65
CA PRO B 440 -19.71 19.13 5.61
C PRO B 440 -19.21 19.08 7.05
N PHE B 441 -18.71 17.92 7.49
CA PHE B 441 -18.26 17.79 8.87
C PHE B 441 -16.99 18.57 9.19
N MET B 442 -16.40 19.19 8.16
CA MET B 442 -15.19 19.99 8.32
C MET B 442 -15.48 21.41 7.89
N ASP B 443 -16.71 21.66 7.46
CA ASP B 443 -17.11 22.98 6.97
C ASP B 443 -17.25 24.01 8.10
N ARG B 444 -16.51 25.10 7.97
CA ARG B 444 -16.54 26.17 8.94
C ARG B 444 -17.93 26.79 9.15
N ASP B 445 -18.77 26.77 8.12
CA ASP B 445 -20.11 27.36 8.22
C ASP B 445 -21.18 26.44 8.81
N LYS B 446 -20.83 25.18 9.08
CA LYS B 446 -21.82 24.25 9.58
C LYS B 446 -21.42 23.58 10.87
N VAL B 447 -20.13 23.60 11.18
CA VAL B 447 -19.65 22.94 12.37
C VAL B 447 -19.53 23.80 13.61
N THR B 448 -20.09 23.30 14.71
CA THR B 448 -19.99 23.98 15.99
C THR B 448 -19.18 23.03 16.87
N LYS B 449 -18.61 23.56 17.93
CA LYS B 449 -17.81 22.74 18.83
C LYS B 449 -18.60 21.54 19.36
N ALA B 450 -19.89 21.74 19.61
CA ALA B 450 -20.75 20.68 20.14
C ALA B 450 -21.12 19.60 19.10
N THR B 451 -21.44 20.01 17.88
CA THR B 451 -21.79 19.04 16.87
C THR B 451 -20.55 18.26 16.43
N ALA B 452 -19.38 18.86 16.64
CA ALA B 452 -18.13 18.23 16.28
C ALA B 452 -17.85 17.07 17.22
N GLN B 453 -18.25 17.22 18.49
CA GLN B 453 -17.99 16.20 19.49
C GLN B 453 -19.10 15.18 19.81
N ILE B 454 -20.34 15.62 19.79
CA ILE B 454 -21.44 14.72 20.12
C ILE B 454 -21.41 13.40 19.37
N GLY B 455 -21.60 13.46 18.05
CA GLY B 455 -21.60 12.25 17.25
C GLY B 455 -20.32 11.45 17.37
N PHE B 456 -19.18 12.16 17.38
CA PHE B 456 -17.88 11.50 17.49
C PHE B 456 -17.78 10.70 18.78
N ILE B 457 -18.24 11.28 19.88
CA ILE B 457 -18.20 10.61 21.16
C ILE B 457 -19.17 9.43 21.21
N LYS B 458 -20.42 9.69 20.80
CA LYS B 458 -21.46 8.65 20.82
C LYS B 458 -21.29 7.48 19.87
N PHE B 459 -20.84 7.76 18.64
CA PHE B 459 -20.71 6.70 17.65
C PHE B 459 -19.31 6.19 17.30
N VAL B 460 -18.28 6.88 17.76
CA VAL B 460 -16.93 6.40 17.46
C VAL B 460 -16.23 6.01 18.76
N LEU B 461 -16.03 6.98 19.64
CA LEU B 461 -15.37 6.72 20.92
C LEU B 461 -16.01 5.68 21.84
N ILE B 462 -17.25 5.93 22.25
CA ILE B 462 -17.93 5.02 23.17
C ILE B 462 -18.06 3.58 22.69
N PRO B 463 -18.54 3.37 21.45
CA PRO B 463 -18.69 1.99 20.96
C PRO B 463 -17.35 1.26 20.98
N MET B 464 -16.29 1.93 20.56
CA MET B 464 -14.97 1.33 20.53
C MET B 464 -14.45 1.01 21.93
N PHE B 465 -14.65 1.92 22.87
CA PHE B 465 -14.18 1.63 24.22
C PHE B 465 -15.07 0.59 24.91
N GLU B 466 -16.30 0.45 24.46
CA GLU B 466 -17.20 -0.53 25.06
C GLU B 466 -16.72 -1.96 24.78
N THR B 467 -16.23 -2.19 23.57
CA THR B 467 -15.73 -3.51 23.18
C THR B 467 -14.45 -3.84 23.93
N VAL B 468 -13.59 -2.85 24.11
CA VAL B 468 -12.33 -3.04 24.82
C VAL B 468 -12.59 -3.34 26.29
N THR B 469 -13.65 -2.73 26.85
CA THR B 469 -14.01 -2.94 28.24
C THR B 469 -14.38 -4.40 28.47
N LYS B 470 -14.85 -5.06 27.42
CA LYS B 470 -15.22 -6.47 27.54
C LYS B 470 -13.98 -7.27 27.91
N LEU B 471 -12.82 -6.86 27.41
CA LEU B 471 -11.57 -7.55 27.71
C LEU B 471 -10.93 -6.95 28.95
N PHE B 472 -11.06 -5.64 29.12
CA PHE B 472 -10.49 -4.95 30.25
C PHE B 472 -11.56 -4.12 30.94
N PRO B 473 -12.32 -4.74 31.85
CA PRO B 473 -13.41 -4.11 32.61
C PRO B 473 -13.04 -2.82 33.33
N MET B 474 -11.79 -2.70 33.77
CA MET B 474 -11.35 -1.51 34.48
C MET B 474 -11.40 -0.26 33.62
N VAL B 475 -11.49 -0.45 32.31
CA VAL B 475 -11.55 0.65 31.37
C VAL B 475 -12.86 1.43 31.49
N GLU B 476 -13.94 0.75 31.83
CA GLU B 476 -15.23 1.40 31.94
C GLU B 476 -15.24 2.59 32.89
N GLU B 477 -14.69 2.38 34.08
CA GLU B 477 -14.65 3.41 35.09
C GLU B 477 -13.62 4.50 34.80
N ILE B 478 -12.52 4.12 34.19
CA ILE B 478 -11.45 5.06 33.90
C ILE B 478 -11.56 5.83 32.60
N MET B 479 -12.16 5.22 31.57
CA MET B 479 -12.26 5.89 30.29
C MET B 479 -13.68 6.12 29.77
N LEU B 480 -14.58 5.19 30.06
CA LEU B 480 -15.96 5.38 29.61
C LEU B 480 -16.65 6.48 30.38
N GLN B 481 -16.51 6.50 31.71
CA GLN B 481 -17.18 7.53 32.51
C GLN B 481 -16.88 8.94 32.02
N PRO B 482 -15.60 9.24 31.73
CA PRO B 482 -15.29 10.59 31.25
C PRO B 482 -16.03 10.85 29.92
N LEU B 483 -16.14 9.80 29.12
CA LEU B 483 -16.81 9.90 27.82
C LEU B 483 -18.32 10.18 27.95
N TRP B 484 -18.99 9.46 28.83
CA TRP B 484 -20.42 9.66 29.04
C TRP B 484 -20.66 11.09 29.54
N GLU B 485 -19.78 11.55 30.41
CA GLU B 485 -19.87 12.89 30.97
C GLU B 485 -19.66 13.95 29.89
N SER B 486 -18.68 13.74 29.03
CA SER B 486 -18.42 14.71 27.96
C SER B 486 -19.63 14.69 27.03
N ARG B 487 -20.12 13.50 26.72
CA ARG B 487 -21.28 13.39 25.84
C ARG B 487 -22.42 14.24 26.39
N ASP B 488 -22.80 14.01 27.65
CA ASP B 488 -23.89 14.74 28.26
C ASP B 488 -23.63 16.24 28.27
N ARG B 489 -22.38 16.63 28.53
CA ARG B 489 -22.05 18.04 28.54
C ARG B 489 -22.25 18.66 27.17
N TYR B 490 -21.70 18.03 26.14
CA TYR B 490 -21.83 18.56 24.79
C TYR B 490 -23.25 18.48 24.26
N GLU B 491 -24.03 17.53 24.76
CA GLU B 491 -25.40 17.44 24.29
C GLU B 491 -26.14 18.65 24.85
N GLU B 492 -25.81 19.02 26.08
CA GLU B 492 -26.44 20.18 26.71
C GLU B 492 -25.96 21.46 26.01
N LEU B 493 -24.66 21.54 25.76
CA LEU B 493 -24.11 22.72 25.09
C LEU B 493 -24.80 22.91 23.74
N LYS B 494 -25.30 21.81 23.18
CA LYS B 494 -25.96 21.87 21.90
C LYS B 494 -27.37 22.44 22.04
N ARG B 495 -28.14 21.95 23.02
CA ARG B 495 -29.49 22.45 23.23
C ARG B 495 -29.41 23.97 23.44
N ILE B 496 -28.43 24.40 24.22
CA ILE B 496 -28.23 25.81 24.50
C ILE B 496 -27.95 26.55 23.20
N ASP B 497 -27.09 25.98 22.37
CA ASP B 497 -26.75 26.59 21.08
C ASP B 497 -27.97 26.70 20.21
N ASP B 498 -28.76 25.62 20.14
CA ASP B 498 -29.96 25.63 19.31
C ASP B 498 -30.98 26.66 19.84
N ALA B 499 -31.13 26.73 21.15
CA ALA B 499 -32.05 27.69 21.75
C ALA B 499 -31.61 29.11 21.41
N MET B 500 -30.30 29.33 21.40
CA MET B 500 -29.76 30.65 21.08
C MET B 500 -30.03 31.02 19.62
N LYS B 501 -29.83 30.06 18.71
CA LYS B 501 -30.09 30.30 17.30
C LYS B 501 -31.56 30.59 17.11
N GLU B 502 -32.39 29.75 17.72
CA GLU B 502 -33.83 29.89 17.64
C GLU B 502 -34.27 31.27 18.14
N LEU B 503 -33.63 31.74 19.20
CA LEU B 503 -33.95 33.04 19.78
C LEU B 503 -33.69 34.17 18.82
N GLN B 504 -33.17 33.84 17.63
CA GLN B 504 -32.86 34.83 16.63
C GLN B 504 -33.46 34.47 15.27
#